data_1ID9
# 
_entry.id   1ID9 
# 
_audit_conform.dict_name       mmcif_pdbx.dic 
_audit_conform.dict_version    5.376 
_audit_conform.dict_location   http://mmcif.pdb.org/dictionaries/ascii/mmcif_pdbx.dic 
# 
loop_
_database_2.database_id 
_database_2.database_code 
_database_2.pdbx_database_accession 
_database_2.pdbx_DOI 
PDB   1ID9         pdb_00001id9 10.2210/pdb1id9/pdb 
NDB   AH0016       ?            ?                   
RCSB  RCSB013179   ?            ?                   
WWPDB D_1000013179 ?            ?                   
# 
_pdbx_database_related.db_name        PDB 
_pdbx_database_related.db_id          1ICG 
_pdbx_database_related.details        
;Rhodium hexammine replaced by  
iridium hexammine
;
_pdbx_database_related.content_type   unspecified 
# 
_pdbx_database_status.status_code                     REL 
_pdbx_database_status.entry_id                        1ID9 
_pdbx_database_status.recvd_initial_deposition_date   2001-04-04 
_pdbx_database_status.deposit_site                    RCSB 
_pdbx_database_status.process_site                    RCSB 
_pdbx_database_status.SG_entry                        . 
_pdbx_database_status.pdb_format_compatible           Y 
_pdbx_database_status.status_code_mr                  ? 
_pdbx_database_status.status_code_sf                  ? 
_pdbx_database_status.status_code_cs                  ? 
_pdbx_database_status.status_code_nmr_data            ? 
_pdbx_database_status.methods_development_category    ? 
# 
loop_
_audit_author.name 
_audit_author.pdbx_ordinal 
'Cruse, W.'     1 
'Saludjian, P.' 2 
'Neuman, A.'    3 
'Prange, T.'    4 
# 
loop_
_citation.id 
_citation.title 
_citation.journal_abbrev 
_citation.journal_volume 
_citation.page_first 
_citation.page_last 
_citation.year 
_citation.journal_id_ASTM 
_citation.country 
_citation.journal_id_ISSN 
_citation.journal_id_CSD 
_citation.book_publisher 
_citation.pdbx_database_id_PubMed 
_citation.pdbx_database_id_DOI 
primary 'Destabilizing effect of a fluorouracil extra base in a hybrid RNA duplex compared with bromo and chloro analogues.' 
'Acta Crystallogr.,Sect.D' 57 1609 1613 2001 ABCRE6 DK 0907-4449 0766 ? 11679725 10.1107/S0907444901012318 
1       
'Structure of a Mispaired RNA Double Helix at 1.6 A Resolution and Implications for the Prediction of RNA Secondary Structure' 
Proc.Natl.Acad.Sci.USA     91 4160 4164 1994 PNASA6 US 0027-8424 0040 ? ?        ?                         
# 
loop_
_citation_author.citation_id 
_citation_author.name 
_citation_author.ordinal 
_citation_author.identifier_ORCID 
primary 'Cruse, W.'      1  ? 
primary 'Saludjian, P.'  2  ? 
primary 'Neuman, A.'     3  ? 
primary 'Prange, T.'     4  ? 
1       'Cruse, W.'      5  ? 
1       'Saludjian, P.'  6  ? 
1       'Biala, E.'      7  ? 
1       'Strazewski, P.' 8  ? 
1       'Prange, T.'     9  ? 
1       'Kennard, O.'    10 ? 
# 
_cell.entry_id           1ID9 
_cell.length_a           53.730 
_cell.length_b           19.390 
_cell.length_c           45.830 
_cell.angle_alpha        90.00 
_cell.angle_beta         105.70 
_cell.angle_gamma        90.00 
_cell.Z_PDB              8 
_cell.pdbx_unique_axis   ? 
# 
_symmetry.entry_id                         1ID9 
_symmetry.space_group_name_H-M             'C 1 2 1' 
_symmetry.pdbx_full_space_group_name_H-M   ? 
_symmetry.cell_setting                     ? 
_symmetry.Int_Tables_number                5 
# 
loop_
_entity.id 
_entity.type 
_entity.src_method 
_entity.pdbx_description 
_entity.formula_weight 
_entity.pdbx_number_of_molecules 
_entity.pdbx_ec 
_entity.pdbx_mutation 
_entity.pdbx_fragment 
_entity.details 
1 polymer     syn "5'-R(*GP*CP*UP*UP*CP*GP*GP*C)-D(P*(UFP))-3'" 2826.694 2  ? ? ? ? 
2 non-polymer syn 'RHODIUM HEXAMINE ION'                        205.089  2  ? ? ? ? 
3 non-polymer syn 'CHLORIDE ION'                                35.453   2  ? ? ? ? 
4 water       nat water                                         18.015   50 ? ? ? ? 
# 
_entity_poly.entity_id                      1 
_entity_poly.type                           'polydeoxyribonucleotide/polyribonucleotide hybrid' 
_entity_poly.nstd_linkage                   no 
_entity_poly.nstd_monomer                   yes 
_entity_poly.pdbx_seq_one_letter_code       'GCUUCGGC(UFP)' 
_entity_poly.pdbx_seq_one_letter_code_can   GCUUCGGCN 
_entity_poly.pdbx_strand_id                 A,B 
_entity_poly.pdbx_target_identifier         ? 
# 
loop_
_entity_poly_seq.entity_id 
_entity_poly_seq.num 
_entity_poly_seq.mon_id 
_entity_poly_seq.hetero 
1 1 G   n 
1 2 C   n 
1 3 U   n 
1 4 U   n 
1 5 C   n 
1 6 G   n 
1 7 G   n 
1 8 C   n 
1 9 UFP n 
# 
_pdbx_entity_src_syn.entity_id              1 
_pdbx_entity_src_syn.pdbx_src_id            1 
_pdbx_entity_src_syn.pdbx_alt_source_flag   sample 
_pdbx_entity_src_syn.pdbx_beg_seq_num       ? 
_pdbx_entity_src_syn.pdbx_end_seq_num       ? 
_pdbx_entity_src_syn.organism_scientific    ? 
_pdbx_entity_src_syn.organism_common_name   ? 
_pdbx_entity_src_syn.ncbi_taxonomy_id       ? 
_pdbx_entity_src_syn.details                'phosphoramidite method' 
# 
_struct_ref.id                         1 
_struct_ref.entity_id                  1 
_struct_ref.db_name                    PDB 
_struct_ref.db_code                    1ID9 
_struct_ref.pdbx_db_accession          1ID9 
_struct_ref.pdbx_db_isoform            ? 
_struct_ref.pdbx_seq_one_letter_code   ? 
_struct_ref.pdbx_align_begin           ? 
# 
loop_
_struct_ref_seq.align_id 
_struct_ref_seq.ref_id 
_struct_ref_seq.pdbx_PDB_id_code 
_struct_ref_seq.pdbx_strand_id 
_struct_ref_seq.seq_align_beg 
_struct_ref_seq.pdbx_seq_align_beg_ins_code 
_struct_ref_seq.seq_align_end 
_struct_ref_seq.pdbx_seq_align_end_ins_code 
_struct_ref_seq.pdbx_db_accession 
_struct_ref_seq.db_align_beg 
_struct_ref_seq.pdbx_db_align_beg_ins_code 
_struct_ref_seq.db_align_end 
_struct_ref_seq.pdbx_db_align_end_ins_code 
_struct_ref_seq.pdbx_auth_seq_align_beg 
_struct_ref_seq.pdbx_auth_seq_align_end 
1 1 1ID9 A 1 ? 9 ? 1ID9 1 ? 9 ? 1 9 
2 1 1ID9 B 1 ? 9 ? 1ID9 1 ? 9 ? 1 9 
# 
loop_
_chem_comp.id 
_chem_comp.type 
_chem_comp.mon_nstd_flag 
_chem_comp.name 
_chem_comp.pdbx_synonyms 
_chem_comp.formula 
_chem_comp.formula_weight 
C   'RNA linking' y "CYTIDINE-5'-MONOPHOSPHATE"                 ? 'C9 H14 N3 O8 P'   323.197 
CL  non-polymer   . 'CHLORIDE ION'                              ? 'Cl -1'            35.453  
G   'RNA linking' y "GUANOSINE-5'-MONOPHOSPHATE"                ? 'C10 H14 N5 O8 P'  363.221 
HOH non-polymer   . WATER                                       ? 'H2 O'             18.015  
RHD non-polymer   . 'RHODIUM HEXAMINE ION'                      ? 'H18 N6 Rh 3'      205.089 
U   'RNA linking' y "URIDINE-5'-MONOPHOSPHATE"                  ? 'C9 H13 N2 O9 P'   324.181 
UFP 'DNA linking' . "5-FLUORO-2'-DEOXYURIDINE-5'-MONOPHOSPHATE" ? 'C9 H12 F N2 O8 P' 326.172 
# 
_exptl.entry_id          1ID9 
_exptl.method            'X-RAY DIFFRACTION' 
_exptl.crystals_number   1 
# 
_exptl_crystal.id                    1 
_exptl_crystal.density_meas          ? 
_exptl_crystal.density_Matthews      2.03 
_exptl_crystal.density_percent_sol   39.53 
_exptl_crystal.description           ? 
# 
_exptl_crystal_grow.crystal_id      1 
_exptl_crystal_grow.method          'VAPOR DIFFUSION, SITTING DROP' 
_exptl_crystal_grow.temp            277 
_exptl_crystal_grow.temp_details    ? 
_exptl_crystal_grow.pH              6.8 
_exptl_crystal_grow.pdbx_details    
'Cacodylate, MPD, rhodium(iii) hexammine, pH 6.8, VAPOR DIFFUSION, SITTING DROP, temperature 277K' 
_exptl_crystal_grow.pdbx_pH_range   ? 
# 
loop_
_exptl_crystal_grow_comp.crystal_id 
_exptl_crystal_grow_comp.id 
_exptl_crystal_grow_comp.sol_id 
_exptl_crystal_grow_comp.name 
_exptl_crystal_grow_comp.volume 
_exptl_crystal_grow_comp.conc 
_exptl_crystal_grow_comp.details 
1 1 1 Cacodylate               ? ? ? 
1 2 1 MPD                      ? ? ? 
1 3 1 'rhodium(iii) hexammine' ? ? ? 
1 4 2 MPD                      ? ? ? 
# 
_diffrn.id                     1 
_diffrn.ambient_temp           277 
_diffrn.ambient_temp_details   ? 
_diffrn.crystal_id             1 
# 
_diffrn_detector.diffrn_id              1 
_diffrn_detector.detector               'IMAGE PLATE' 
_diffrn_detector.type                   MARRESEARCH 
_diffrn_detector.pdbx_collection_date   1998-10-08 
_diffrn_detector.details                'Si(111)' 
# 
_diffrn_radiation.diffrn_id                        1 
_diffrn_radiation.wavelength_id                    1 
_diffrn_radiation.pdbx_monochromatic_or_laue_m_l   M 
_diffrn_radiation.monochromator                    'curvated Si(111) mirror' 
_diffrn_radiation.pdbx_diffrn_protocol             'SINGLE WAVELENGTH' 
_diffrn_radiation.pdbx_scattering_type             x-ray 
# 
_diffrn_radiation_wavelength.id           1 
_diffrn_radiation_wavelength.wavelength   0.967 
_diffrn_radiation_wavelength.wt           1.0 
# 
_diffrn_source.diffrn_id                   1 
_diffrn_source.source                      SYNCHROTRON 
_diffrn_source.type                        'LURE BEAMLINE DW32' 
_diffrn_source.pdbx_synchrotron_site       LURE 
_diffrn_source.pdbx_synchrotron_beamline   DW32 
_diffrn_source.pdbx_wavelength             ? 
_diffrn_source.pdbx_wavelength_list        0.967 
# 
_reflns.entry_id                     1ID9 
_reflns.observed_criterion_sigma_I   4 
_reflns.observed_criterion_sigma_F   2 
_reflns.d_resolution_low             11 
_reflns.d_resolution_high            1.6 
_reflns.number_obs                   4339 
_reflns.number_all                   4425 
_reflns.percent_possible_obs         98 
_reflns.pdbx_Rmerge_I_obs            0.041 
_reflns.pdbx_Rsym_value              0.045 
_reflns.pdbx_netI_over_sigmaI        21 
_reflns.B_iso_Wilson_estimate        18 
_reflns.pdbx_redundancy              9 
_reflns.R_free_details               ? 
_reflns.pdbx_diffrn_id               1 
_reflns.pdbx_ordinal                 1 
# 
_reflns_shell.d_res_high             1.6 
_reflns_shell.d_res_low              1.7 
_reflns_shell.percent_possible_all   76 
_reflns_shell.Rmerge_I_obs           0.141 
_reflns_shell.pdbx_Rsym_value        0.16 
_reflns_shell.meanI_over_sigI_obs    4.1 
_reflns_shell.pdbx_redundancy        5 
_reflns_shell.percent_possible_obs   ? 
_reflns_shell.number_unique_all      786 
_reflns_shell.pdbx_diffrn_id         ? 
_reflns_shell.pdbx_ordinal           1 
# 
_refine.entry_id                                 1ID9 
_refine.ls_number_reflns_obs                     4339 
_refine.ls_number_reflns_all                     4425 
_refine.pdbx_ls_sigma_I                          4 
_refine.pdbx_ls_sigma_F                          2 
_refine.pdbx_data_cutoff_high_absF               ? 
_refine.pdbx_data_cutoff_low_absF                ? 
_refine.ls_d_res_low                             11 
_refine.ls_d_res_high                            1.6 
_refine.ls_percent_reflns_obs                    98 
_refine.ls_R_factor_obs                          0.153 
_refine.ls_R_factor_all                          0.155 
_refine.ls_R_factor_R_work                       0.156 
_refine.ls_R_factor_R_free                       0.195 
_refine.ls_R_factor_R_free_error                 ? 
_refine.ls_R_factor_R_free_error_details         ? 
_refine.ls_percent_reflns_R_free                 ? 
_refine.ls_number_reflns_R_free                  410 
_refine.ls_number_parameters                     ? 
_refine.ls_number_restraints                     ? 
_refine.occupancy_min                            ? 
_refine.occupancy_max                            ? 
_refine.B_iso_mean                               ? 
_refine.aniso_B[1][1]                            ? 
_refine.aniso_B[2][2]                            ? 
_refine.aniso_B[3][3]                            ? 
_refine.aniso_B[1][2]                            ? 
_refine.aniso_B[1][3]                            ? 
_refine.aniso_B[2][3]                            ? 
_refine.solvent_model_details                    ? 
_refine.solvent_model_param_ksol                 ? 
_refine.solvent_model_param_bsol                 ? 
_refine.pdbx_ls_cross_valid_method               THROUGHOUT 
_refine.details                                  
;Last fluoro-uracil (chain B) refined as a 
two-position disorder
;
_refine.pdbx_starting_model                      'pdb entry 165D' 
_refine.pdbx_method_to_determine_struct          'MOLECULAR REPLACEMENT' 
_refine.pdbx_isotropic_thermal_model             'Isotropic, the rhodium atoms were anisotropically refined' 
_refine.pdbx_stereochemistry_target_values       'personal dictionary from small molecules' 
_refine.pdbx_stereochem_target_val_spec_case     ? 
_refine.pdbx_R_Free_selection_details            RANDOM 
_refine.pdbx_overall_ESU_R_Free                  ? 
_refine.overall_SU_B                             ? 
_refine.ls_redundancy_reflns_obs                 ? 
_refine.correlation_coeff_Fo_to_Fc               ? 
_refine.correlation_coeff_Fo_to_Fc_free          ? 
_refine.overall_SU_R_Cruickshank_DPI             ? 
_refine.overall_SU_R_free                        ? 
_refine.overall_SU_ML                            ? 
_refine.pdbx_overall_ESU_R                       ? 
_refine.pdbx_data_cutoff_high_rms_absF           ? 
_refine.pdbx_refine_id                           'X-RAY DIFFRACTION' 
_refine.pdbx_diffrn_id                           1 
_refine.pdbx_TLS_residual_ADP_flag               ? 
_refine.pdbx_solvent_vdw_probe_radii             ? 
_refine.pdbx_solvent_ion_probe_radii             ? 
_refine.pdbx_solvent_shrinkage_radii             ? 
_refine.pdbx_overall_phase_error                 ? 
_refine.pdbx_overall_SU_R_free_Cruickshank_DPI   ? 
_refine.pdbx_overall_SU_R_Blow_DPI               ? 
_refine.pdbx_overall_SU_R_free_Blow_DPI          ? 
# 
_refine_hist.pdbx_refine_id                   'X-RAY DIFFRACTION' 
_refine_hist.cycle_id                         LAST 
_refine_hist.pdbx_number_atoms_protein        0 
_refine_hist.pdbx_number_atoms_nucleic_acid   385 
_refine_hist.pdbx_number_atoms_ligand         19 
_refine_hist.number_atoms_solvent             50 
_refine_hist.number_atoms_total               454 
_refine_hist.d_res_high                       1.6 
_refine_hist.d_res_low                        11 
# 
loop_
_refine_ls_restr.type 
_refine_ls_restr.dev_ideal 
_refine_ls_restr.dev_ideal_target 
_refine_ls_restr.weight 
_refine_ls_restr.number 
_refine_ls_restr.pdbx_refine_id 
_refine_ls_restr.pdbx_restraint_function 
s_bond_d              0.013 ? ? ? 'X-RAY DIFFRACTION' ? 
s_angle_d             0.027 ? ? ? 'X-RAY DIFFRACTION' ? 
s_non_zero_chiral_vol 0.074 ? ? ? 'X-RAY DIFFRACTION' ? 
s_from_restr_planes   0.02  ? ? ? 'X-RAY DIFFRACTION' ? 
# 
loop_
_refine_ls_shell.pdbx_total_number_of_bins_used 
_refine_ls_shell.d_res_high 
_refine_ls_shell.d_res_low 
_refine_ls_shell.number_reflns_R_work 
_refine_ls_shell.R_factor_R_work 
_refine_ls_shell.percent_reflns_obs 
_refine_ls_shell.R_factor_R_free 
_refine_ls_shell.R_factor_R_free_error 
_refine_ls_shell.percent_reflns_R_free 
_refine_ls_shell.number_reflns_R_free 
_refine_ls_shell.redundancy_reflns_obs 
_refine_ls_shell.pdbx_refine_id 
_refine_ls_shell.number_reflns_all 
_refine_ls_shell.R_factor_all 
. 1.6 1.7 . 0.181 76.9 0.2   0.02 . 64  . 'X-RAY DIFFRACTION' . . 
. 1.7 1.8 . 0.166 74.8 0.198 0.02 . 65  . 'X-RAY DIFFRACTION' . . 
. 1.8 2   . 0.165 77.6 0.195 0.02 . 95  . 'X-RAY DIFFRACTION' . . 
. 2   3   . 0.156 69.1 0.19  0.02 . 135 . 'X-RAY DIFFRACTION' . . 
. 3   5   . 0.117 54.4 0.2   0.02 . 42  . 'X-RAY DIFFRACTION' . . 
. 5   11  . 0.13  42.2 0.22  0.02 . 9   . 'X-RAY DIFFRACTION' . . 
# 
_struct.entry_id                  1ID9 
_struct.title                     'STRUCTURE OF THE HYBRID RNA/DNA R-GCUUCGGC-D[F]U IN PRESENCE OF RH(NH3)6+++' 
_struct.pdbx_model_details        ? 
_struct.pdbx_CASP_flag            ? 
_struct.pdbx_model_type_details   ? 
# 
_struct_keywords.entry_id        1ID9 
_struct_keywords.pdbx_keywords   DNA/RNA 
_struct_keywords.text            
'RNA/DNA HYBRID, FLUORO URACIL, RHODIUM(III) HEXAMMINE, C-U MISMATCH, G-U mismatch, DNA-RNA COMPLEX' 
# 
loop_
_struct_asym.id 
_struct_asym.pdbx_blank_PDB_chainid_flag 
_struct_asym.pdbx_modified 
_struct_asym.entity_id 
_struct_asym.details 
A N N 1 ? 
B N N 1 ? 
C N N 2 ? 
D N N 2 ? 
E N N 3 ? 
F N N 3 ? 
G N N 4 ? 
H N N 4 ? 
# 
loop_
_struct_conn.id 
_struct_conn.conn_type_id 
_struct_conn.pdbx_leaving_atom_flag 
_struct_conn.pdbx_PDB_id 
_struct_conn.ptnr1_label_asym_id 
_struct_conn.ptnr1_label_comp_id 
_struct_conn.ptnr1_label_seq_id 
_struct_conn.ptnr1_label_atom_id 
_struct_conn.pdbx_ptnr1_label_alt_id 
_struct_conn.pdbx_ptnr1_PDB_ins_code 
_struct_conn.pdbx_ptnr1_standard_comp_id 
_struct_conn.ptnr1_symmetry 
_struct_conn.ptnr2_label_asym_id 
_struct_conn.ptnr2_label_comp_id 
_struct_conn.ptnr2_label_seq_id 
_struct_conn.ptnr2_label_atom_id 
_struct_conn.pdbx_ptnr2_label_alt_id 
_struct_conn.pdbx_ptnr2_PDB_ins_code 
_struct_conn.ptnr1_auth_asym_id 
_struct_conn.ptnr1_auth_comp_id 
_struct_conn.ptnr1_auth_seq_id 
_struct_conn.ptnr2_auth_asym_id 
_struct_conn.ptnr2_auth_comp_id 
_struct_conn.ptnr2_auth_seq_id 
_struct_conn.ptnr2_symmetry 
_struct_conn.pdbx_ptnr3_label_atom_id 
_struct_conn.pdbx_ptnr3_label_seq_id 
_struct_conn.pdbx_ptnr3_label_comp_id 
_struct_conn.pdbx_ptnr3_label_asym_id 
_struct_conn.pdbx_ptnr3_label_alt_id 
_struct_conn.pdbx_ptnr3_PDB_ins_code 
_struct_conn.details 
_struct_conn.pdbx_dist_value 
_struct_conn.pdbx_value_order 
_struct_conn.pdbx_role 
covale1  covale both ? A C 8 "O3'" ? ? ? 1_555 A UFP 9 P  ? ? A C 8 A UFP 9 1_555 ? ? ? ? ? ? ?             1.594 ? ? 
covale2  covale both ? B C 8 "O3'" ? ? ? 1_555 B UFP 9 P  ? ? B C 8 B UFP 9 1_555 ? ? ? ? ? ? ?             1.616 ? ? 
hydrog1  hydrog ?    ? A G 1 N1    ? ? ? 1_555 B C   8 N3 ? ? A G 1 B C   8 1_555 ? ? ? ? ? ? WATSON-CRICK  ?     ? ? 
hydrog2  hydrog ?    ? A G 1 N2    ? ? ? 1_555 B C   8 O2 ? ? A G 1 B C   8 1_555 ? ? ? ? ? ? WATSON-CRICK  ?     ? ? 
hydrog3  hydrog ?    ? A G 1 O6    ? ? ? 1_555 B C   8 N4 ? ? A G 1 B C   8 1_555 ? ? ? ? ? ? WATSON-CRICK  ?     ? ? 
hydrog4  hydrog ?    ? A C 2 N3    ? ? ? 1_555 B G   7 N1 ? ? A C 2 B G   7 1_555 ? ? ? ? ? ? WATSON-CRICK  ?     ? ? 
hydrog5  hydrog ?    ? A C 2 N4    ? ? ? 1_555 B G   7 O6 ? ? A C 2 B G   7 1_555 ? ? ? ? ? ? WATSON-CRICK  ?     ? ? 
hydrog6  hydrog ?    ? A C 2 O2    ? ? ? 1_555 B G   7 N2 ? ? A C 2 B G   7 1_555 ? ? ? ? ? ? WATSON-CRICK  ?     ? ? 
hydrog7  hydrog ?    ? A U 3 N3    ? ? ? 1_555 B G   6 O6 ? ? A U 3 B G   6 1_555 ? ? ? ? ? ? TYPE_28_PAIR  ?     ? ? 
hydrog8  hydrog ?    ? A U 3 O2    ? ? ? 1_555 B G   6 N1 ? ? A U 3 B G   6 1_555 ? ? ? ? ? ? TYPE_28_PAIR  ?     ? ? 
hydrog9  hydrog ?    ? A U 4 O4    ? ? ? 1_555 B C   5 N4 ? ? A U 4 B C   5 1_555 ? ? ? ? ? ? 'U-C MISPAIR' ?     ? ? 
hydrog10 hydrog ?    ? A C 5 N4    ? ? ? 1_555 B U   4 O4 ? ? A C 5 B U   4 1_555 ? ? ? ? ? ? 'C-U MISPAIR' ?     ? ? 
hydrog11 hydrog ?    ? A G 6 N1    ? ? ? 1_555 B U   3 O2 ? ? A G 6 B U   3 1_555 ? ? ? ? ? ? TYPE_28_PAIR  ?     ? ? 
hydrog12 hydrog ?    ? A G 6 O6    ? ? ? 1_555 B U   3 N3 ? ? A G 6 B U   3 1_555 ? ? ? ? ? ? TYPE_28_PAIR  ?     ? ? 
hydrog13 hydrog ?    ? A G 7 N1    ? ? ? 1_555 B C   2 N3 ? ? A G 7 B C   2 1_555 ? ? ? ? ? ? WATSON-CRICK  ?     ? ? 
hydrog14 hydrog ?    ? A G 7 N2    ? ? ? 1_555 B C   2 O2 ? ? A G 7 B C   2 1_555 ? ? ? ? ? ? WATSON-CRICK  ?     ? ? 
hydrog15 hydrog ?    ? A G 7 O6    ? ? ? 1_555 B C   2 N4 ? ? A G 7 B C   2 1_555 ? ? ? ? ? ? WATSON-CRICK  ?     ? ? 
hydrog16 hydrog ?    ? A C 8 N3    ? ? ? 1_555 B G   1 N1 ? ? A C 8 B G   1 1_555 ? ? ? ? ? ? WATSON-CRICK  ?     ? ? 
hydrog17 hydrog ?    ? A C 8 N4    ? ? ? 1_555 B G   1 O6 ? ? A C 8 B G   1 1_555 ? ? ? ? ? ? WATSON-CRICK  ?     ? ? 
hydrog18 hydrog ?    ? A C 8 O2    ? ? ? 1_555 B G   1 N2 ? ? A C 8 B G   1 1_555 ? ? ? ? ? ? WATSON-CRICK  ?     ? ? 
# 
loop_
_struct_conn_type.id 
_struct_conn_type.criteria 
_struct_conn_type.reference 
covale ? ? 
hydrog ? ? 
# 
loop_
_struct_site.id 
_struct_site.pdbx_evidence_code 
_struct_site.pdbx_auth_asym_id 
_struct_site.pdbx_auth_comp_id 
_struct_site.pdbx_auth_seq_id 
_struct_site.pdbx_auth_ins_code 
_struct_site.pdbx_num_residues 
_struct_site.details 
AC1 Software A RHD 11 ? 5 'BINDING SITE FOR RESIDUE RHD A 11' 
AC2 Software A RHD 12 ? 5 'BINDING SITE FOR RESIDUE RHD A 12' 
# 
loop_
_struct_site_gen.id 
_struct_site_gen.site_id 
_struct_site_gen.pdbx_num_res 
_struct_site_gen.label_comp_id 
_struct_site_gen.label_asym_id 
_struct_site_gen.label_seq_id 
_struct_site_gen.pdbx_auth_ins_code 
_struct_site_gen.auth_comp_id 
_struct_site_gen.auth_asym_id 
_struct_site_gen.auth_seq_id 
_struct_site_gen.label_atom_id 
_struct_site_gen.label_alt_id 
_struct_site_gen.symmetry 
_struct_site_gen.details 
1  AC1 5 C   A 5 ? C   A 5   . ? 1_555 ? 
2  AC1 5 G   A 6 ? G   A 6   . ? 1_555 ? 
3  AC1 5 G   A 7 ? G   A 7   . ? 1_555 ? 
4  AC1 5 HOH G . ? HOH A 117 . ? 1_555 ? 
5  AC1 5 HOH G . ? HOH A 119 . ? 1_555 ? 
6  AC2 5 C   A 5 ? C   A 5   . ? 4_545 ? 
7  AC2 5 G   A 7 ? G   A 7   . ? 1_545 ? 
8  AC2 5 C   A 8 ? C   A 8   . ? 1_545 ? 
9  AC2 5 HOH G . ? HOH A 126 . ? 4_545 ? 
10 AC2 5 C   B 5 ? C   B 5   . ? 4_545 ? 
# 
_atom_sites.entry_id                    1ID9 
_atom_sites.fract_transf_matrix[1][1]   0.00767698 
_atom_sites.fract_transf_matrix[1][2]   0.01396727 
_atom_sites.fract_transf_matrix[1][3]   -0.01093062 
_atom_sites.fract_transf_matrix[2][1]   -0.04691824 
_atom_sites.fract_transf_matrix[2][2]   0.01194099 
_atom_sites.fract_transf_matrix[2][3]   -0.01769411 
_atom_sites.fract_transf_matrix[3][1]   -0.00011774 
_atom_sites.fract_transf_matrix[3][2]   0.01863671 
_atom_sites.fract_transf_matrix[3][3]   0.01288932 
_atom_sites.fract_transf_vector[1]      0.396729 
_atom_sites.fract_transf_vector[2]      -0.018515 
_atom_sites.fract_transf_vector[3]      0.214224 
# 
loop_
_atom_type.symbol 
C  
CL 
F  
N  
O  
P  
RH 
# 
loop_
_atom_site.group_PDB 
_atom_site.id 
_atom_site.type_symbol 
_atom_site.label_atom_id 
_atom_site.label_alt_id 
_atom_site.label_comp_id 
_atom_site.label_asym_id 
_atom_site.label_entity_id 
_atom_site.label_seq_id 
_atom_site.pdbx_PDB_ins_code 
_atom_site.Cartn_x 
_atom_site.Cartn_y 
_atom_site.Cartn_z 
_atom_site.occupancy 
_atom_site.B_iso_or_equiv 
_atom_site.pdbx_formal_charge 
_atom_site.auth_seq_id 
_atom_site.auth_comp_id 
_atom_site.auth_asym_id 
_atom_site.auth_atom_id 
_atom_site.pdbx_PDB_model_num 
ATOM   1   O  "O5'" . G   A 1 1 ? 3.122   14.353  0.804   1.00 50.85 ? 1   G   A "O5'" 1 
ATOM   2   C  "C5'" . G   A 1 1 ? 3.925   13.302  0.211   1.00 30.70 ? 1   G   A "C5'" 1 
ATOM   3   C  "C4'" . G   A 1 1 ? 4.922   12.837  1.243   1.00 26.40 ? 1   G   A "C4'" 1 
ATOM   4   O  "O4'" . G   A 1 1 ? 4.429   13.029  2.554   1.00 34.69 ? 1   G   A "O4'" 1 
ATOM   5   C  "C3'" . G   A 1 1 ? 5.257   11.342  1.169   1.00 31.03 ? 1   G   A "C3'" 1 
ATOM   6   O  "O3'" . G   A 1 1 ? 6.316   11.058  0.252   1.00 29.68 ? 1   G   A "O3'" 1 
ATOM   7   C  "C2'" . G   A 1 1 ? 5.655   10.998  2.598   1.00 33.01 ? 1   G   A "C2'" 1 
ATOM   8   O  "O2'" . G   A 1 1 ? 7.039   11.259  2.761   1.00 30.71 ? 1   G   A "O2'" 1 
ATOM   9   C  "C1'" . G   A 1 1 ? 4.776   11.910  3.406   1.00 27.62 ? 1   G   A "C1'" 1 
ATOM   10  N  N9    . G   A 1 1 ? 3.555   11.211  3.853   1.00 20.77 ? 1   G   A N9    1 
ATOM   11  C  C8    . G   A 1 1 ? 2.274   11.396  3.414   1.00 28.46 ? 1   G   A C8    1 
ATOM   12  N  N7    . G   A 1 1 ? 1.388   10.615  3.992   1.00 26.33 ? 1   G   A N7    1 
ATOM   13  C  C5    . G   A 1 1 ? 2.154   9.882   4.885   1.00 20.82 ? 1   G   A C5    1 
ATOM   14  C  C6    . G   A 1 1 ? 1.784   8.850   5.820   1.00 24.03 ? 1   G   A C6    1 
ATOM   15  O  O6    . G   A 1 1 ? 0.661   8.418   6.032   1.00 39.14 ? 1   G   A O6    1 
ATOM   16  N  N1    . G   A 1 1 ? 2.852   8.348   6.527   1.00 20.52 ? 1   G   A N1    1 
ATOM   17  C  C2    . G   A 1 1 ? 4.139   8.791   6.342   1.00 17.95 ? 1   G   A C2    1 
ATOM   18  N  N2    . G   A 1 1 ? 5.068   8.179   7.070   1.00 23.89 ? 1   G   A N2    1 
ATOM   19  N  N3    . G   A 1 1 ? 4.522   9.748   5.503   1.00 23.12 ? 1   G   A N3    1 
ATOM   20  C  C4    . G   A 1 1 ? 3.482   10.227  4.803   1.00 18.38 ? 1   G   A C4    1 
ATOM   21  P  P     . C   A 1 2 ? 6.284   9.721   -0.667  1.00 31.59 ? 2   C   A P     1 
ATOM   22  O  OP1   . C   A 1 2 ? 7.254   10.088  -1.740  1.00 42.38 ? 2   C   A OP1   1 
ATOM   23  O  OP2   . C   A 1 2 ? 4.908   9.475   -1.178  1.00 23.37 ? 2   C   A OP2   1 
ATOM   24  O  "O5'" . C   A 1 2 ? 6.817   8.568   0.298   1.00 17.59 ? 2   C   A "O5'" 1 
ATOM   25  C  "C5'" . C   A 1 2 ? 8.255   8.427   0.466   1.00 20.12 ? 2   C   A "C5'" 1 
ATOM   26  C  "C4'" . C   A 1 2 ? 8.459   7.507   1.634   1.00 18.45 ? 2   C   A "C4'" 1 
ATOM   27  O  "O4'" . C   A 1 2 ? 7.743   7.917   2.779   1.00 18.58 ? 2   C   A "O4'" 1 
ATOM   28  C  "C3'" . C   A 1 2 ? 7.952   6.067   1.393   1.00 11.85 ? 2   C   A "C3'" 1 
ATOM   29  O  "O3'" . C   A 1 2 ? 8.862   5.366   0.562   1.00 22.47 ? 2   C   A "O3'" 1 
ATOM   30  C  "C2'" . C   A 1 2 ? 7.843   5.521   2.798   1.00 12.59 ? 2   C   A "C2'" 1 
ATOM   31  O  "O2'" . C   A 1 2 ? 9.106   5.182   3.317   1.00 19.98 ? 2   C   A "O2'" 1 
ATOM   32  C  "C1'" . C   A 1 2 ? 7.269   6.744   3.495   1.00 22.93 ? 2   C   A "C1'" 1 
ATOM   33  N  N1    . C   A 1 2 ? 5.799   6.731   3.506   1.00 16.43 ? 2   C   A N1    1 
ATOM   34  C  C2    . C   A 1 2 ? 5.223   5.820   4.388   1.00 18.58 ? 2   C   A C2    1 
ATOM   35  O  O2    . C   A 1 2 ? 5.973   5.085   5.035   1.00 17.52 ? 2   C   A O2    1 
ATOM   36  N  N3    . C   A 1 2 ? 3.871   5.766   4.411   1.00 17.19 ? 2   C   A N3    1 
ATOM   37  C  C4    . C   A 1 2 ? 3.061   6.565   3.657   1.00 17.58 ? 2   C   A C4    1 
ATOM   38  N  N4    . C   A 1 2 ? 1.741   6.497   3.759   1.00 21.70 ? 2   C   A N4    1 
ATOM   39  C  C5    . C   A 1 2 ? 3.662   7.486   2.759   1.00 15.30 ? 2   C   A C5    1 
ATOM   40  C  C6    . C   A 1 2 ? 5.003   7.527   2.753   1.00 15.06 ? 2   C   A C6    1 
ATOM   41  P  P     . U   A 1 3 ? 8.364   4.432   -0.651  1.00 14.28 ? 3   U   A P     1 
ATOM   42  O  OP1   . U   A 1 3 ? 9.607   4.331   -1.461  1.00 25.13 ? 3   U   A OP1   1 
ATOM   43  O  OP2   . U   A 1 3 ? 7.200   5.024   -1.338  1.00 12.72 ? 3   U   A OP2   1 
ATOM   44  O  "O5'" . U   A 1 3 ? 7.932   3.101   0.103   1.00 10.64 ? 3   U   A "O5'" 1 
ATOM   45  C  "C5'" . U   A 1 3 ? 8.788   2.292   0.914   1.00 9.95  ? 3   U   A "C5'" 1 
ATOM   46  C  "C4'" . U   A 1 3 ? 7.903   1.465   1.823   1.00 7.61  ? 3   U   A "C4'" 1 
ATOM   47  O  "O4'" . U   A 1 3 ? 7.132   2.297   2.667   1.00 12.96 ? 3   U   A "O4'" 1 
ATOM   48  C  "C3'" . U   A 1 3 ? 6.837   0.589   1.153   1.00 9.87  ? 3   U   A "C3'" 1 
ATOM   49  O  "O3'" . U   A 1 3 ? 7.396   -0.595  0.586   1.00 10.02 ? 3   U   A "O3'" 1 
ATOM   50  C  "C2'" . U   A 1 3 ? 5.856   0.356   2.293   1.00 10.95 ? 3   U   A "C2'" 1 
ATOM   51  O  "O2'" . U   A 1 3 ? 6.316   -0.715  3.096   1.00 11.73 ? 3   U   A "O2'" 1 
ATOM   52  C  "C1'" . U   A 1 3 ? 5.871   1.695   2.996   1.00 11.63 ? 3   U   A "C1'" 1 
ATOM   53  N  N1    . U   A 1 3 ? 4.754   2.517   2.491   1.00 11.97 ? 3   U   A N1    1 
ATOM   54  C  C2    . U   A 1 3 ? 3.487   2.249   2.956   1.00 13.67 ? 3   U   A C2    1 
ATOM   55  O  O2    . U   A 1 3 ? 3.302   1.334   3.745   1.00 10.72 ? 3   U   A O2    1 
ATOM   56  N  N3    . U   A 1 3 ? 2.444   2.990   2.472   1.00 11.61 ? 3   U   A N3    1 
ATOM   57  C  C4    . U   A 1 3 ? 2.640   4.020   1.587   1.00 18.10 ? 3   U   A C4    1 
ATOM   58  O  O4    . U   A 1 3 ? 1.691   4.683   1.167   1.00 19.17 ? 3   U   A O4    1 
ATOM   59  C  C5    . U   A 1 3 ? 3.966   4.283   1.120   1.00 20.68 ? 3   U   A C5    1 
ATOM   60  C  C6    . U   A 1 3 ? 4.969   3.529   1.595   1.00 18.90 ? 3   U   A C6    1 
ATOM   61  P  P     . U   A 1 4 ? 6.506   -1.603  -0.291  1.00 10.45 ? 4   U   A P     1 
ATOM   62  O  OP1   . U   A 1 4 ? 7.465   -2.101  -1.358  1.00 15.43 ? 4   U   A OP1   1 
ATOM   63  O  OP2   . U   A 1 4 ? 5.298   -1.037  -0.900  1.00 8.37  ? 4   U   A OP2   1 
ATOM   64  O  "O5'" . U   A 1 4 ? 6.117   -2.774  0.730   1.00 12.92 ? 4   U   A "O5'" 1 
ATOM   65  C  "C5'" . U   A 1 4 ? 7.163   -3.543  1.387   1.00 11.21 ? 4   U   A "C5'" 1 
ATOM   66  C  "C4'" . U   A 1 4 ? 6.415   -4.538  2.239   1.00 15.48 ? 4   U   A "C4'" 1 
ATOM   67  O  "O4'" . U   A 1 4 ? 5.632   -3.858  3.202   1.00 11.99 ? 4   U   A "O4'" 1 
ATOM   68  C  "C3'" . U   A 1 4 ? 5.387   -5.395  1.499   1.00 10.98 ? 4   U   A "C3'" 1 
ATOM   69  O  "O3'" . U   A 1 4 ? 5.990   -6.463  0.768   1.00 9.82  ? 4   U   A "O3'" 1 
ATOM   70  C  "C2'" . U   A 1 4 ? 4.488   -5.872  2.638   1.00 7.52  ? 4   U   A "C2'" 1 
ATOM   71  O  "O2'" . U   A 1 4 ? 5.217   -6.877  3.330   1.00 14.44 ? 4   U   A "O2'" 1 
ATOM   72  C  "C1'" . U   A 1 4 ? 4.374   -4.591  3.414   1.00 13.04 ? 4   U   A "C1'" 1 
ATOM   73  N  N1    . U   A 1 4 ? 3.277   -3.670  3.067   1.00 10.74 ? 4   U   A N1    1 
ATOM   74  C  C2    . U   A 1 4 ? 1.997   -3.968  3.499   1.00 9.12  ? 4   U   A C2    1 
ATOM   75  O  O2    . U   A 1 4 ? 1.750   -4.977  4.149   1.00 14.43 ? 4   U   A O2    1 
ATOM   76  N  N3    . U   A 1 4 ? 0.980   -3.106  3.187   1.00 12.94 ? 4   U   A N3    1 
ATOM   77  C  C4    . U   A 1 4 ? 1.164   -1.983  2.423   1.00 8.72  ? 4   U   A C4    1 
ATOM   78  O  O4    . U   A 1 4 ? 0.215   -1.213  2.181   1.00 9.53  ? 4   U   A O4    1 
ATOM   79  C  C5    . U   A 1 4 ? 2.498   -1.659  2.020   1.00 6.83  ? 4   U   A C5    1 
ATOM   80  C  C6    . U   A 1 4 ? 3.477   -2.523  2.336   1.00 8.12  ? 4   U   A C6    1 
ATOM   81  P  P     . C   A 1 5 ? 5.344   -6.950  -0.624  1.00 11.22 ? 5   C   A P     1 
ATOM   82  O  OP1   . C   A 1 5 ? 6.332   -8.007  -1.079  1.00 13.29 ? 5   C   A OP1   1 
ATOM   83  O  OP2   . C   A 1 5 ? 5.162   -5.834  -1.582  1.00 14.29 ? 5   C   A OP2   1 
ATOM   84  O  "O5'" . C   A 1 5 ? 3.939   -7.572  -0.152  1.00 9.82  ? 5   C   A "O5'" 1 
ATOM   85  C  "C5'" . C   A 1 5 ? 3.865   -8.857  0.506   1.00 7.79  ? 5   C   A "C5'" 1 
ATOM   86  C  "C4'" . C   A 1 5 ? 2.453   -9.151  0.857   1.00 9.20  ? 5   C   A "C4'" 1 
ATOM   87  O  "O4'" . C   A 1 5 ? 1.903   -8.161  1.717   1.00 10.55 ? 5   C   A "O4'" 1 
ATOM   88  C  "C3'" . C   A 1 5 ? 1.465   -9.112  -0.320  1.00 12.95 ? 5   C   A "C3'" 1 
ATOM   89  O  "O3'" . C   A 1 5 ? 1.560   -10.254 -1.166  1.00 10.28 ? 5   C   A "O3'" 1 
ATOM   90  C  "C2'" . C   A 1 5 ? 0.129   -8.990  0.424   1.00 10.93 ? 5   C   A "C2'" 1 
ATOM   91  O  "O2'" . C   A 1 5 ? -0.198  -10.273 0.921   1.00 12.91 ? 5   C   A "O2'" 1 
ATOM   92  C  "C1'" . C   A 1 5 ? 0.510   -7.990  1.487   1.00 10.70 ? 5   C   A "C1'" 1 
ATOM   93  N  N1    . C   A 1 5 ? 0.231   -6.619  0.977   1.00 12.36 ? 5   C   A N1    1 
ATOM   94  C  C2    . C   A 1 5 ? -1.085  -6.210  0.971   1.00 13.99 ? 5   C   A C2    1 
ATOM   95  O  O2    . C   A 1 5 ? -1.962  -6.953  1.404   1.00 17.54 ? 5   C   A O2    1 
ATOM   96  N  N3    . C   A 1 5 ? -1.355  -4.951  0.502   1.00 13.81 ? 5   C   A N3    1 
ATOM   97  C  C4    . C   A 1 5 ? -0.363  -4.116  0.085   1.00 6.84  ? 5   C   A C4    1 
ATOM   98  N  N4    . C   A 1 5 ? -0.658  -2.912  -0.398  1.00 7.72  ? 5   C   A N4    1 
ATOM   99  C  C5    . C   A 1 5 ? 0.976   -4.582  0.058   1.00 11.60 ? 5   C   A C5    1 
ATOM   100 C  C6    . C   A 1 5 ? 1.236   -5.816  0.529   1.00 16.02 ? 5   C   A C6    1 
ATOM   101 P  P     . G   A 1 6 ? 1.429   -10.097 -2.762  1.00 13.13 ? 6   G   A P     1 
ATOM   102 O  OP1   . G   A 1 6 ? 1.683   -11.468 -3.293  1.00 15.60 ? 6   G   A OP1   1 
ATOM   103 O  OP2   . G   A 1 6 ? 2.296   -8.989  -3.257  1.00 22.09 ? 6   G   A OP2   1 
ATOM   104 O  "O5'" . G   A 1 6 ? -0.111  -9.702  -2.961  1.00 12.06 ? 6   G   A "O5'" 1 
ATOM   105 C  "C5'" . G   A 1 6 ? -1.088  -10.654 -2.476  1.00 10.09 ? 6   G   A "C5'" 1 
ATOM   106 C  "C4'" . G   A 1 6 ? -2.434  -9.997  -2.510  1.00 9.14  ? 6   G   A "C4'" 1 
ATOM   107 O  "O4'" . G   A 1 6 ? -2.528  -8.880  -1.635  1.00 9.83  ? 6   G   A "O4'" 1 
ATOM   108 C  "C3'" . G   A 1 6 ? -2.849  -9.385  -3.865  1.00 8.28  ? 6   G   A "C3'" 1 
ATOM   109 O  "O3'" . G   A 1 6 ? -3.265  -10.336 -4.835  1.00 8.84  ? 6   G   A "O3'" 1 
ATOM   110 C  "C2'" . G   A 1 6 ? -3.943  -8.408  -3.420  1.00 11.26 ? 6   G   A "C2'" 1 
ATOM   111 O  "O2'" . G   A 1 6 ? -5.140  -9.115  -3.125  1.00 8.76  ? 6   G   A "O2'" 1 
ATOM   112 C  "C1'" . G   A 1 6 ? -3.285  -7.811  -2.189  1.00 15.81 ? 6   G   A "C1'" 1 
ATOM   113 N  N9    . G   A 1 6 ? -2.418  -6.673  -2.559  1.00 13.64 ? 6   G   A N9    1 
ATOM   114 C  C8    . G   A 1 6 ? -1.063  -6.551  -2.584  1.00 9.95  ? 6   G   A C8    1 
ATOM   115 N  N7    . G   A 1 6 ? -0.619  -5.365  -2.970  1.00 8.90  ? 6   G   A N7    1 
ATOM   116 C  C5    . G   A 1 6 ? -1.806  -4.681  -3.198  1.00 6.35  ? 6   G   A C5    1 
ATOM   117 C  C6    . G   A 1 6 ? -2.088  -3.348  -3.667  1.00 12.09 ? 6   G   A C6    1 
ATOM   118 O  O6    . G   A 1 6 ? -1.202  -2.577  -3.925  1.00 10.33 ? 6   G   A O6    1 
ATOM   119 N  N1    . G   A 1 6 ? -3.414  -3.034  -3.835  1.00 9.88  ? 6   G   A N1    1 
ATOM   120 C  C2    . G   A 1 6 ? -4.432  -3.891  -3.502  1.00 12.84 ? 6   G   A C2    1 
ATOM   121 N  N2    . G   A 1 6 ? -5.666  -3.423  -3.694  1.00 12.03 ? 6   G   A N2    1 
ATOM   122 N  N3    . G   A 1 6 ? -4.224  -5.146  -3.105  1.00 10.05 ? 6   G   A N3    1 
ATOM   123 C  C4    . G   A 1 6 ? -2.921  -5.460  -2.975  1.00 9.52  ? 6   G   A C4    1 
ATOM   124 P  P     . G   A 1 7 ? -2.949  -10.141 -6.402  1.00 12.56 ? 7   G   A P     1 
ATOM   125 O  OP1   . G   A 1 7 ? -3.241  -11.453 -7.028  1.00 14.59 ? 7   G   A OP1   1 
ATOM   126 O  OP2   . G   A 1 7 ? -1.504  -9.754  -6.539  1.00 14.54 ? 7   G   A OP2   1 
ATOM   127 O  "O5'" . G   A 1 7 ? -3.921  -8.970  -6.875  1.00 12.50 ? 7   G   A "O5'" 1 
ATOM   128 C  "C5'" . G   A 1 7 ? -5.363  -9.100  -6.632  1.00 10.62 ? 7   G   A "C5'" 1 
ATOM   129 C  "C4'" . G   A 1 7 ? -5.919  -7.728  -6.880  1.00 11.46 ? 7   G   A "C4'" 1 
ATOM   130 O  "O4'" . G   A 1 7 ? -5.319  -6.807  -6.012  1.00 10.90 ? 7   G   A "O4'" 1 
ATOM   131 C  "C3'" . G   A 1 7 ? -5.623  -7.174  -8.294  1.00 5.54  ? 7   G   A "C3'" 1 
ATOM   132 O  "O3'" . G   A 1 7 ? -6.513  -7.741  -9.254  1.00 7.95  ? 7   G   A "O3'" 1 
ATOM   133 C  "C2'" . G   A 1 7 ? -5.785  -5.682  -8.048  1.00 7.85  ? 7   G   A "C2'" 1 
ATOM   134 O  "O2'" . G   A 1 7 ? -7.150  -5.278  -8.017  1.00 11.16 ? 7   G   A "O2'" 1 
ATOM   135 C  "C1'" . G   A 1 7 ? -5.183  -5.526  -6.666  1.00 13.13 ? 7   G   A "C1'" 1 
ATOM   136 N  N9    . G   A 1 7 ? -3.751  -5.181  -6.699  1.00 13.25 ? 7   G   A N9    1 
ATOM   137 C  C8    . G   A 1 7 ? -2.661  -5.950  -6.347  1.00 12.75 ? 7   G   A C8    1 
ATOM   138 N  N7    . G   A 1 7 ? -1.504  -5.324  -6.496  1.00 11.79 ? 7   G   A N7    1 
ATOM   139 C  C5    . G   A 1 7 ? -1.879  -4.084  -6.993  1.00 10.95 ? 7   G   A C5    1 
ATOM   140 C  C6    . G   A 1 7 ? -1.109  -2.934  -7.382  1.00 5.16  ? 7   G   A C6    1 
ATOM   141 O  O6    . G   A 1 7 ? 0.117   -2.841  -7.338  1.00 11.64 ? 7   G   A O6    1 
ATOM   142 N  N1    . G   A 1 7 ? -1.851  -1.881  -7.856  1.00 7.94  ? 7   G   A N1    1 
ATOM   143 C  C2    . G   A 1 7 ? -3.218  -1.936  -7.973  1.00 5.59  ? 7   G   A C2    1 
ATOM   144 N  N2    . G   A 1 7 ? -3.852  -0.834  -8.448  1.00 6.79  ? 7   G   A N2    1 
ATOM   145 N  N3    . G   A 1 7 ? -3.969  -2.937  -7.572  1.00 12.94 ? 7   G   A N3    1 
ATOM   146 C  C4    . G   A 1 7 ? -3.245  -3.990  -7.133  1.00 10.88 ? 7   G   A C4    1 
ATOM   147 P  P     . C   A 1 8 ? -6.176  -7.841  -10.838 1.00 9.65  ? 8   C   A P     1 
ATOM   148 O  OP1   . C   A 1 8 ? -7.416  -8.397  -11.447 1.00 12.97 ? 8   C   A OP1   1 
ATOM   149 O  OP2   . C   A 1 8 ? -4.943  -8.658  -11.017 1.00 12.64 ? 8   C   A OP2   1 
ATOM   150 O  "O5'" . C   A 1 8 ? -5.931  -6.328  -11.278 1.00 8.71  ? 8   C   A "O5'" 1 
ATOM   151 C  "C5'" . C   A 1 8 ? -7.074  -5.429  -11.410 1.00 10.46 ? 8   C   A "C5'" 1 
ATOM   152 C  "C4'" . C   A 1 8 ? -6.546  -4.077  -11.826 1.00 12.92 ? 8   C   A "C4'" 1 
ATOM   153 O  "O4'" . C   A 1 8 ? -5.578  -3.584  -10.928 1.00 9.19  ? 8   C   A "O4'" 1 
ATOM   154 C  "C3'" . C   A 1 8 ? -5.818  -4.065  -13.182 1.00 14.89 ? 8   C   A "C3'" 1 
ATOM   155 O  "O3'" . C   A 1 8 ? -6.731  -3.978  -14.249 1.00 18.15 ? 8   C   A "O3'" 1 
ATOM   156 C  "C2'" . C   A 1 8 ? -4.953  -2.821  -13.095 1.00 10.73 ? 8   C   A "C2'" 1 
ATOM   157 O  "O2'" . C   A 1 8 ? -5.683  -1.681  -13.532 1.00 16.59 ? 8   C   A "O2'" 1 
ATOM   158 C  "C1'" . C   A 1 8 ? -4.662  -2.715  -11.625 1.00 5.96  ? 8   C   A "C1'" 1 
ATOM   159 N  N1    . C   A 1 8 ? -3.297  -3.115  -11.270 1.00 10.77 ? 8   C   A N1    1 
ATOM   160 C  C2    . C   A 1 8 ? -2.302  -2.173  -11.511 1.00 15.80 ? 8   C   A C2    1 
ATOM   161 O  O2    . C   A 1 8 ? -2.587  -1.086  -11.990 1.00 10.59 ? 8   C   A O2    1 
ATOM   162 N  N3    . C   A 1 8 ? -1.013  -2.472  -11.201 1.00 13.04 ? 8   C   A N3    1 
ATOM   163 C  C4    . C   A 1 8 ? -0.682  -3.677  -10.668 1.00 13.58 ? 8   C   A C4    1 
ATOM   164 N  N4    . C   A 1 8 ? 0.600   -3.886  -10.381 1.00 13.76 ? 8   C   A N4    1 
ATOM   165 C  C5    . C   A 1 8 ? -1.701  -4.645  -10.439 1.00 17.16 ? 8   C   A C5    1 
ATOM   166 C  C6    . C   A 1 8 ? -2.973  -4.327  -10.739 1.00 11.64 ? 8   C   A C6    1 
HETATM 167 N  N1    . UFP A 1 9 ? -6.286  -6.415  -20.014 1.00 12.31 ? 9   UFP A N1    1 
HETATM 168 C  C2    . UFP A 1 9 ? -6.282  -7.221  -21.140 1.00 17.02 ? 9   UFP A C2    1 
HETATM 169 N  N3    . UFP A 1 9 ? -7.255  -8.177  -21.234 1.00 12.73 ? 9   UFP A N3    1 
HETATM 170 C  C4    . UFP A 1 9 ? -8.261  -8.315  -20.302 1.00 14.80 ? 9   UFP A C4    1 
HETATM 171 C  C5    . UFP A 1 9 ? -8.194  -7.466  -19.173 1.00 18.61 ? 9   UFP A C5    1 
HETATM 172 C  C6    . UFP A 1 9 ? -7.251  -6.541  -19.062 1.00 11.13 ? 9   UFP A C6    1 
HETATM 173 O  O2    . UFP A 1 9 ? -5.401  -7.157  -22.005 1.00 13.50 ? 9   UFP A O2    1 
HETATM 174 O  O4    . UFP A 1 9 ? -9.135  -9.177  -20.424 1.00 21.43 ? 9   UFP A O4    1 
HETATM 175 F  F5    . UFP A 1 9 ? -9.273  -7.608  -18.104 1.00 27.46 ? 9   UFP A F5    1 
HETATM 176 C  "C1'" . UFP A 1 9 ? -5.210  -5.404  -19.902 1.00 10.23 ? 9   UFP A "C1'" 1 
HETATM 177 C  "C2'" . UFP A 1 9 ? -5.684  -3.986  -19.768 1.00 11.22 ? 9   UFP A "C2'" 1 
HETATM 178 C  "C3'" . UFP A 1 9 ? -4.555  -3.372  -18.933 1.00 17.16 ? 9   UFP A "C3'" 1 
HETATM 179 C  "C4'" . UFP A 1 9 ? -4.032  -4.519  -18.084 1.00 7.60  ? 9   UFP A "C4'" 1 
HETATM 180 O  "O3'" . UFP A 1 9 ? -3.507  -2.827  -19.749 1.00 10.76 ? 9   UFP A "O3'" 1 
HETATM 181 O  "O4'" . UFP A 1 9 ? -4.448  -5.718  -18.699 1.00 10.92 ? 9   UFP A "O4'" 1 
HETATM 182 C  "C5'" . UFP A 1 9 ? -4.479  -4.585  -16.634 1.00 17.01 ? 9   UFP A "C5'" 1 
HETATM 183 O  "O5'" . UFP A 1 9 ? -5.866  -4.164  -16.619 1.00 25.22 ? 9   UFP A "O5'" 1 
HETATM 184 P  P     . UFP A 1 9 ? -6.832  -4.871  -15.565 1.00 18.41 ? 9   UFP A P     1 
HETATM 185 O  O1P   . UFP A 1 9 ? -8.257  -4.804  -16.045 1.00 16.84 ? 9   UFP A O1P   1 
HETATM 186 O  O2P   . UFP A 1 9 ? -6.302  -6.214  -15.191 1.00 17.24 ? 9   UFP A O2P   1 
ATOM   187 O  "O5'" . G   B 1 1 ? 6.055   4.048   -9.555  1.00 22.29 ? 1   G   B "O5'" 1 
ATOM   188 C  "C5'" . G   B 1 1 ? 6.356   5.148   -10.448 1.00 20.94 ? 1   G   B "C5'" 1 
ATOM   189 C  "C4'" . G   B 1 1 ? 5.164   5.361   -11.352 1.00 20.29 ? 1   G   B "C4'" 1 
ATOM   190 O  "O4'" . G   B 1 1 ? 5.090   4.345   -12.336 1.00 18.37 ? 1   G   B "O4'" 1 
ATOM   191 C  "C3'" . G   B 1 1 ? 3.822   5.296   -10.623 1.00 14.86 ? 1   G   B "C3'" 1 
ATOM   192 O  "O3'" . G   B 1 1 ? 3.453   6.565   -10.076 1.00 19.34 ? 1   G   B "O3'" 1 
ATOM   193 C  "C2'" . G   B 1 1 ? 2.857   4.767   -11.664 1.00 14.37 ? 1   G   B "C2'" 1 
ATOM   194 O  "O2'" . G   B 1 1 ? 2.349   5.790   -12.502 1.00 16.97 ? 1   G   B "O2'" 1 
ATOM   195 C  "C1'" . G   B 1 1 ? 3.748   3.823   -12.427 1.00 19.01 ? 1   G   B "C1'" 1 
ATOM   196 N  N9    . G   B 1 1 ? 3.712   2.453   -11.884 1.00 15.48 ? 1   G   B N9    1 
ATOM   197 C  C8    . G   B 1 1 ? 4.753   1.772   -11.302 1.00 18.27 ? 1   G   B C8    1 
ATOM   198 N  N7    . G   B 1 1 ? 4.457   0.552   -10.905 1.00 27.12 ? 1   G   B N7    1 
ATOM   199 C  C5    . G   B 1 1 ? 3.115   0.431   -11.252 1.00 15.98 ? 1   G   B C5    1 
ATOM   200 C  C6    . G   B 1 1 ? 2.207   -0.663  -11.048 1.00 14.23 ? 1   G   B C6    1 
ATOM   201 O  O6    . G   B 1 1 ? 2.472   -1.742  -10.555 1.00 15.47 ? 1   G   B O6    1 
ATOM   202 N  N1    . G   B 1 1 ? 0.930   -0.411  -11.505 1.00 14.02 ? 1   G   B N1    1 
ATOM   203 C  C2    . G   B 1 1 ? 0.610   0.782   -12.094 1.00 6.88  ? 1   G   B C2    1 
ATOM   204 N  N2    . G   B 1 1 ? -0.656  0.942   -12.475 1.00 10.01 ? 1   G   B N2    1 
ATOM   205 N  N3    . G   B 1 1 ? 1.416   1.818   -12.311 1.00 7.91  ? 1   G   B N3    1 
ATOM   206 C  C4    . G   B 1 1 ? 2.645   1.587   -11.836 1.00 10.45 ? 1   G   B C4    1 
ATOM   207 P  P     . C   B 1 2 ? 2.709   6.648   -8.658  1.00 15.00 ? 2   C   B P     1 
ATOM   208 O  OP1   . C   B 1 2 ? 2.668   8.098   -8.345  1.00 20.55 ? 2   C   B OP1   1 
ATOM   209 O  OP2   . C   B 1 2 ? 3.363   5.794   -7.628  1.00 18.16 ? 2   C   B OP2   1 
ATOM   210 O  "O5'" . C   B 1 2 ? 1.243   6.072   -8.985  1.00 10.73 ? 2   C   B "O5'" 1 
ATOM   211 C  "C5'" . C   B 1 2 ? 0.344   6.829   -9.827  1.00 9.59  ? 2   C   B "C5'" 1 
ATOM   212 C  "C4'" . C   B 1 2 ? -0.903  5.986   -9.970  1.00 18.16 ? 2   C   B "C4'" 1 
ATOM   213 O  "O4'" . C   B 1 2 ? -0.498  4.778   -10.580 1.00 14.29 ? 2   C   B "O4'" 1 
ATOM   214 C  "C3'" . C   B 1 2 ? -1.611  5.549   -8.682  1.00 11.67 ? 2   C   B "C3'" 1 
ATOM   215 O  "O3'" . C   B 1 2 ? -2.425  6.556   -8.091  1.00 12.67 ? 2   C   B "O3'" 1 
ATOM   216 C  "C2'" . C   B 1 2 ? -2.386  4.318   -9.170  1.00 11.08 ? 2   C   B "C2'" 1 
ATOM   217 O  "O2'" . C   B 1 2 ? -3.559  4.713   -9.841  1.00 13.55 ? 2   C   B "O2'" 1 
ATOM   218 C  "C1'" . C   B 1 2 ? -1.362  3.708   -10.082 1.00 13.09 ? 2   C   B "C1'" 1 
ATOM   219 N  N1    . C   B 1 2 ? -0.533  2.714   -9.409  1.00 8.27  ? 2   C   B N1    1 
ATOM   220 C  C2    . C   B 1 2 ? -1.164  1.502   -9.135  1.00 9.08  ? 2   C   B C2    1 
ATOM   221 O  O2    . C   B 1 2 ? -2.328  1.343   -9.479  1.00 7.37  ? 2   C   B O2    1 
ATOM   222 N  N3    . C   B 1 2 ? -0.437  0.509   -8.535  1.00 15.16 ? 2   C   B N3    1 
ATOM   223 C  C4    . C   B 1 2 ? 0.855   0.690   -8.124  1.00 11.83 ? 2   C   B C4    1 
ATOM   224 N  N4    . C   B 1 2 ? 1.496   -0.349  -7.570  1.00 13.95 ? 2   C   B N4    1 
ATOM   225 C  C5    . C   B 1 2 ? 1.495   1.941   -8.406  1.00 7.00  ? 2   C   B C5    1 
ATOM   226 C  C6    . C   B 1 2 ? 0.764   2.881   -9.024  1.00 8.90  ? 2   C   B C6    1 
ATOM   227 P  P     . U   B 1 3 ? -2.607  6.681   -6.493  1.00 14.15 ? 3   U   B P     1 
ATOM   228 O  OP1   . U   B 1 3 ? -3.356  7.932   -6.294  1.00 17.60 ? 3   U   B OP1   1 
ATOM   229 O  OP2   . U   B 1 3 ? -1.248  6.581   -5.850  1.00 13.53 ? 3   U   B OP2   1 
ATOM   230 O  "O5'" . U   B 1 3 ? -3.499  5.400   -6.090  1.00 13.65 ? 3   U   B "O5'" 1 
ATOM   231 C  "C5'" . U   B 1 3 ? -4.851  5.335   -6.622  1.00 10.06 ? 3   U   B "C5'" 1 
ATOM   232 C  "C4'" . U   B 1 3 ? -5.377  3.966   -6.255  1.00 11.65 ? 3   U   B "C4'" 1 
ATOM   233 O  "O4'" . U   B 1 3 ? -4.607  2.969   -6.904  1.00 13.09 ? 3   U   B "O4'" 1 
ATOM   234 C  "C3'" . U   B 1 3 ? -5.308  3.606   -4.765  1.00 9.60  ? 3   U   B "C3'" 1 
ATOM   235 O  "O3'" . U   B 1 3 ? -6.406  4.185   -4.050  1.00 10.54 ? 3   U   B "O3'" 1 
ATOM   236 C  "C2'" . U   B 1 3 ? -5.297  2.078   -4.791  1.00 8.55  ? 3   U   B "C2'" 1 
ATOM   237 O  "O2'" . U   B 1 3 ? -6.615  1.575   -4.860  1.00 8.72  ? 3   U   B "O2'" 1 
ATOM   238 C  "C1'" . U   B 1 3 ? -4.503  1.808   -6.055  1.00 12.96 ? 3   U   B "C1'" 1 
ATOM   239 N  N1    . U   B 1 3 ? -3.113  1.552   -5.681  1.00 8.60  ? 3   U   B N1    1 
ATOM   240 C  C2    . U   B 1 3 ? -2.787  0.284   -5.201  1.00 8.61  ? 3   U   B C2    1 
ATOM   241 O  O2    . U   B 1 3 ? -3.665  -0.556  -5.086  1.00 9.35  ? 3   U   B O2    1 
ATOM   242 N  N3    . U   B 1 3 ? -1.512  0.033   -4.842  1.00 12.35 ? 3   U   B N3    1 
ATOM   243 C  C4    . U   B 1 3 ? -0.479  0.935   -4.931  1.00 13.79 ? 3   U   B C4    1 
ATOM   244 O  O4    . U   B 1 3 ? 0.646   0.602   -4.576  1.00 10.57 ? 3   U   B O4    1 
ATOM   245 C  C5    . U   B 1 3 ? -0.833  2.220   -5.442  1.00 10.65 ? 3   U   B C5    1 
ATOM   246 C  C6    . U   B 1 3 ? -2.099  2.465   -5.776  1.00 7.69  ? 3   U   B C6    1 
ATOM   247 P  P     . U   B 1 4 ? -6.461  4.257   -2.443  1.00 11.54 ? 4   U   B P     1 
ATOM   248 O  OP1   . U   B 1 4 ? -7.081  5.557   -2.098  1.00 15.95 ? 4   U   B OP1   1 
ATOM   249 O  OP2   . U   B 1 4 ? -5.061  4.137   -1.955  1.00 11.51 ? 4   U   B OP2   1 
ATOM   250 O  "O5'" . U   B 1 4 ? -7.303  2.983   -2.004  1.00 11.95 ? 4   U   B "O5'" 1 
ATOM   251 C  "C5'" . U   B 1 4 ? -8.659  2.728   -2.426  1.00 11.37 ? 4   U   B "C5'" 1 
ATOM   252 C  "C4'" . U   B 1 4 ? -9.152  1.492   -1.749  1.00 6.98  ? 4   U   B "C4'" 1 
ATOM   253 O  "O4'" . U   B 1 4 ? -8.577  0.357   -2.390  1.00 12.20 ? 4   U   B "O4'" 1 
ATOM   254 C  "C3'" . U   B 1 4 ? -8.791  1.283   -0.271  1.00 10.38 ? 4   U   B "C3'" 1 
ATOM   255 O  "O3'" . U   B 1 4 ? -9.646  1.974   0.641   1.00 10.61 ? 4   U   B "O3'" 1 
ATOM   256 C  "C2'" . U   B 1 4 ? -8.900  -0.220  -0.115  1.00 13.47 ? 4   U   B "C2'" 1 
ATOM   257 O  "O2'" . U   B 1 4 ? -10.257 -0.636  -0.018  1.00 12.81 ? 4   U   B "O2'" 1 
ATOM   258 C  "C1'" . U   B 1 4 ? -8.281  -0.670  -1.421  1.00 15.35 ? 4   U   B "C1'" 1 
ATOM   259 N  N1    . U   B 1 4 ? -6.824  -0.823  -1.301  1.00 12.77 ? 4   U   B N1    1 
ATOM   260 C  C2    . U   B 1 4 ? -6.369  -2.005  -0.732  1.00 11.47 ? 4   U   B C2    1 
ATOM   261 O  O2    . U   B 1 4 ? -7.151  -2.853  -0.319  1.00 9.90  ? 4   U   B O2    1 
ATOM   262 N  N3    . U   B 1 4 ? -5.018  -2.172  -0.593  1.00 11.35 ? 4   U   B N3    1 
ATOM   263 C  C4    . U   B 1 4 ? -4.105  -1.247  -1.012  1.00 9.36  ? 4   U   B C4    1 
ATOM   264 O  O4    . U   B 1 4 ? -2.900  -1.461  -0.871  1.00 11.86 ? 4   U   B O4    1 
ATOM   265 C  C5    . U   B 1 4 ? -4.599  -0.047  -1.613  1.00 13.10 ? 4   U   B C5    1 
ATOM   266 C  C6    . U   B 1 4 ? -5.935  0.127   -1.727  1.00 12.47 ? 4   U   B C6    1 
ATOM   267 P  P     . C   B 1 5 ? -9.016  2.555   2.007   1.00 15.72 ? 5   C   B P     1 
ATOM   268 O  OP1   . C   B 1 5 ? -10.155 3.414   2.505   1.00 22.49 ? 5   C   B OP1   1 
ATOM   269 O  OP2   . C   B 1 5 ? -7.806  3.370   1.806   1.00 16.40 ? 5   C   B OP2   1 
ATOM   270 O  "O5'" . C   B 1 5 ? -8.781  1.239   2.850   1.00 13.30 ? 5   C   B "O5'" 1 
ATOM   271 C  "C5'" . C   B 1 5 ? -9.854  0.313   3.138   1.00 19.49 ? 5   C   B "C5'" 1 
ATOM   272 C  "C4'" . C   B 1 5 ? -9.270  -0.895  3.843   1.00 17.53 ? 5   C   B "C4'" 1 
ATOM   273 O  "O4'" . C   B 1 5 ? -8.398  -1.612  2.991   1.00 18.39 ? 5   C   B "O4'" 1 
ATOM   274 C  "C3'" . C   B 1 5 ? -8.396  -0.585  5.053   1.00 15.63 ? 5   C   B "C3'" 1 
ATOM   275 O  "O3'" . C   B 1 5 ? -9.166  -0.270  6.227   1.00 24.23 ? 5   C   B "O3'" 1 
ATOM   276 C  "C2'" . C   B 1 5 ? -7.534  -1.826  5.214   1.00 20.88 ? 5   C   B "C2'" 1 
ATOM   277 O  "O2'" . C   B 1 5 ? -8.188  -2.832  5.949   1.00 23.50 ? 5   C   B "O2'" 1 
ATOM   278 C  "C1'" . C   B 1 5 ? -7.326  -2.191  3.766   1.00 20.17 ? 5   C   B "C1'" 1 
ATOM   279 N  N1    . C   B 1 5 ? -6.042  -1.649  3.298   1.00 11.62 ? 5   C   B N1    1 
ATOM   280 C  C2    . C   B 1 5 ? -4.911  -2.396  3.585   1.00 13.86 ? 5   C   B C2    1 
ATOM   281 O  O2    . C   B 1 5 ? -5.067  -3.467  4.165   1.00 16.92 ? 5   C   B O2    1 
ATOM   282 N  N3    . C   B 1 5 ? -3.687  -1.976  3.133   1.00 13.60 ? 5   C   B N3    1 
ATOM   283 C  C4    . C   B 1 5 ? -3.555  -0.784  2.485   1.00 12.64 ? 5   C   B C4    1 
ATOM   284 N  N4    . C   B 1 5 ? -2.352  -0.336  2.111   1.00 15.30 ? 5   C   B N4    1 
ATOM   285 C  C5    . C   B 1 5 ? -4.720  -0.019  2.223   1.00 9.27  ? 5   C   B C5    1 
ATOM   286 C  C6    . C   B 1 5 ? -5.919  -0.478  2.637   1.00 10.19 ? 5   C   B C6    1 
ATOM   287 P  P     . G   B 1 6 ? -8.423  0.710   7.269   1.00 23.51 ? 6   G   B P     1 
ATOM   288 O  OP1   . G   B 1 6 ? -9.508  1.043   8.236   1.00 41.05 ? 6   G   B OP1   1 
ATOM   289 O  OP2   . G   B 1 6 ? -7.827  1.918   6.646   1.00 26.81 ? 6   G   B OP2   1 
ATOM   290 O  "O5'" . G   B 1 6 ? -7.295  -0.246  7.871   1.00 25.55 ? 6   G   B "O5'" 1 
ATOM   291 C  "C5'" . G   B 1 6 ? -5.967  0.323   8.028   1.00 21.86 ? 6   G   B "C5'" 1 
ATOM   292 C  "C4'" . G   B 1 6 ? -5.096  -0.887  8.294   1.00 18.31 ? 6   G   B "C4'" 1 
ATOM   293 O  "O4'" . G   B 1 6 ? -4.680  -1.470  7.090   1.00 18.33 ? 6   G   B "O4'" 1 
ATOM   294 C  "C3'" . G   B 1 6 ? -3.828  -0.513  9.067   1.00 33.18 ? 6   G   B "C3'" 1 
ATOM   295 O  "O3'" . G   B 1 6 ? -4.057  -0.623  10.477  1.00 33.27 ? 6   G   B "O3'" 1 
ATOM   296 C  "C2'" . G   B 1 6 ? -2.770  -1.435  8.481   1.00 24.03 ? 6   G   B "C2'" 1 
ATOM   297 O  "O2'" . G   B 1 6 ? -2.756  -2.710  9.093   1.00 23.70 ? 6   G   B "O2'" 1 
ATOM   298 C  "C1'" . G   B 1 6 ? -3.225  -1.513  7.046   1.00 19.38 ? 6   G   B "C1'" 1 
ATOM   299 N  N9    . G   B 1 6 ? -2.737  -0.402  6.209   1.00 17.76 ? 6   G   B N9    1 
ATOM   300 C  C8    . G   B 1 6 ? -3.439  0.637   5.684   1.00 9.80  ? 6   G   B C8    1 
ATOM   301 N  N7    . G   B 1 6 ? -2.727  1.489   4.978   1.00 21.59 ? 6   G   B N7    1 
ATOM   302 C  C5    . G   B 1 6 ? -1.451  0.944   5.020   1.00 18.29 ? 6   G   B C5    1 
ATOM   303 C  C6    . G   B 1 6 ? -0.202  1.372   4.451   1.00 15.73 ? 6   G   B C6    1 
ATOM   304 O  O6    . G   B 1 6 ? 0.037   2.365   3.782   1.00 15.49 ? 6   G   B O6    1 
ATOM   305 N  N1    . G   B 1 6 ? 0.845   0.555   4.802   1.00 12.27 ? 6   G   B N1    1 
ATOM   306 C  C2    . G   B 1 6 ? 0.739   -0.578  5.556   1.00 13.12 ? 6   G   B C2    1 
ATOM   307 N  N2    . G   B 1 6 ? 1.857   -1.276  5.779   1.00 17.22 ? 6   G   B N2    1 
ATOM   308 N  N3    . G   B 1 6 ? -0.410  -0.995  6.085   1.00 18.76 ? 6   G   B N3    1 
ATOM   309 C  C4    . G   B 1 6 ? -1.438  -0.195  5.788   1.00 14.89 ? 6   G   B C4    1 
ATOM   310 P  P     . G   B 1 7 ? -3.483  0.524   11.460  1.00 28.28 ? 7   G   B P     1 
ATOM   311 O  OP1   . G   B 1 7 ? -3.942  -0.006  12.782  1.00 28.85 ? 7   G   B OP1   1 
ATOM   312 O  OP2   . G   B 1 7 ? -4.061  1.858   11.122  1.00 31.89 ? 7   G   B OP2   1 
ATOM   313 O  "O5'" . G   B 1 7 ? -1.915  0.456   11.241  1.00 23.87 ? 7   G   B "O5'" 1 
ATOM   314 C  "C5'" . G   B 1 7 ? -1.202  -0.678  11.800  1.00 23.45 ? 7   G   B "C5'" 1 
ATOM   315 C  "C4'" . G   B 1 7 ? 0.216   -0.663  11.310  1.00 23.72 ? 7   G   B "C4'" 1 
ATOM   316 O  "O4'" . G   B 1 7 ? 0.276   -0.646  9.897   1.00 22.81 ? 7   G   B "O4'" 1 
ATOM   317 C  "C3'" . G   B 1 7 ? 1.030   0.575   11.727  1.00 24.12 ? 7   G   B "C3'" 1 
ATOM   318 O  "O3'" . G   B 1 7 ? 1.464   0.475   13.089  1.00 25.86 ? 7   G   B "O3'" 1 
ATOM   319 C  "C2'" . G   B 1 7 ? 2.139   0.601   10.688  1.00 22.87 ? 7   G   B "C2'" 1 
ATOM   320 O  "O2'" . G   B 1 7 ? 3.190   -0.298  11.010  1.00 26.37 ? 7   G   B "O2'" 1 
ATOM   321 C  "C1'" . G   B 1 7 ? 1.407   0.141   9.454   1.00 20.76 ? 7   G   B "C1'" 1 
ATOM   322 N  N9    . G   B 1 7 ? 0.927   1.279   8.641   1.00 23.81 ? 7   G   B N9    1 
ATOM   323 C  C8    . G   B 1 7 ? -0.359  1.757   8.574   1.00 18.95 ? 7   G   B C8    1 
ATOM   324 N  N7    . G   B 1 7 ? -0.498  2.787   7.775   1.00 20.66 ? 7   G   B N7    1 
ATOM   325 C  C5    . G   B 1 7 ? 0.797   2.993   7.297   1.00 18.97 ? 7   G   B C5    1 
ATOM   326 C  C6    . G   B 1 7 ? 1.312   3.940   6.349   1.00 11.53 ? 7   G   B C6    1 
ATOM   327 O  O6    . G   B 1 7 ? 0.673   4.813   5.797   1.00 19.90 ? 7   G   B O6    1 
ATOM   328 N  N1    . G   B 1 7 ? 2.664   3.859   6.156   1.00 16.23 ? 7   G   B N1    1 
ATOM   329 C  C2    . G   B 1 7 ? 3.455   2.906   6.753   1.00 13.11 ? 7   G   B C2    1 
ATOM   330 N  N2    . G   B 1 7 ? 4.750   2.923   6.424   1.00 24.33 ? 7   G   B N2    1 
ATOM   331 N  N3    . G   B 1 7 ? 3.001   1.974   7.592   1.00 20.66 ? 7   G   B N3    1 
ATOM   332 C  C4    . G   B 1 7 ? 1.681   2.079   7.816   1.00 17.89 ? 7   G   B C4    1 
ATOM   333 P  P     . C   B 1 8 ? 1.283   1.736   14.081  1.00 36.04 ? 8   C   B P     1 
ATOM   334 O  OP1   . C   B 1 8 ? 1.462   1.132   15.434  1.00 35.44 ? 8   C   B OP1   1 
ATOM   335 O  OP2   . C   B 1 8 ? -0.028  2.426   13.937  1.00 37.05 ? 8   C   B OP2   1 
ATOM   336 O  "O5'" . C   B 1 8 ? 2.495   2.678   13.637  1.00 37.03 ? 8   C   B "O5'" 1 
ATOM   337 C  "C5'" . C   B 1 8 ? 3.789   2.014   13.506  1.00 48.64 ? 8   C   B "C5'" 1 
ATOM   338 C  "C4'" . C   B 1 8 ? 4.646   2.958   12.704  1.00 52.82 ? 8   C   B "C4'" 1 
ATOM   339 O  "O4'" . C   B 1 8 ? 4.217   2.974   11.350  1.00 44.55 ? 8   C   B "O4'" 1 
ATOM   340 C  "C3'" . C   B 1 8 ? 4.552   4.430   13.117  1.00 51.87 ? 8   C   B "C3'" 1 
ATOM   341 O  "O3'" . C   B 1 8 ? 5.289   4.753   14.304  1.00 58.45 ? 8   C   B "O3'" 1 
ATOM   342 C  "C2'" . C   B 1 8 ? 5.061   5.144   11.871  1.00 45.47 ? 8   C   B "C2'" 1 
ATOM   343 O  "O2'" . C   B 1 8 ? 6.472   5.197   11.847  1.00 60.73 ? 8   C   B "O2'" 1 
ATOM   344 C  "C1'" . C   B 1 8 ? 4.523   4.262   10.771  1.00 34.17 ? 8   C   B "C1'" 1 
ATOM   345 N  N1    . C   B 1 8 ? 3.329   4.884   10.178  1.00 18.03 ? 8   C   B N1    1 
ATOM   346 C  C2    . C   B 1 8 ? 3.582   5.761   9.129   1.00 22.15 ? 8   C   B C2    1 
ATOM   347 O  O2    . C   B 1 8 ? 4.750   5.945   8.797   1.00 31.87 ? 8   C   B O2    1 
ATOM   348 N  N3    . C   B 1 8 ? 2.518   6.366   8.537   1.00 21.51 ? 8   C   B N3    1 
ATOM   349 C  C4    . C   B 1 8 ? 1.240   6.141   8.939   1.00 20.68 ? 8   C   B C4    1 
ATOM   350 N  N4    . C   B 1 8 ? 0.238   6.765   8.315   1.00 39.92 ? 8   C   B N4    1 
ATOM   351 C  C5    . C   B 1 8 ? 0.999   5.254   10.023  1.00 23.44 ? 8   C   B C5    1 
ATOM   352 C  C6    . C   B 1 8 ? 2.055   4.655   10.586  1.00 18.62 ? 8   C   B C6    1 
HETATM 353 N  N1    A UFP B 1 9 ? 2.581   4.914   19.804  0.50 41.48 ? 9   UFP B N1    1 
HETATM 354 N  N1    B UFP B 1 9 ? 2.732   4.121   20.153  0.50 40.39 ? 9   UFP B N1    1 
HETATM 355 C  C2    A UFP B 1 9 ? 1.457   5.356   20.488  0.50 38.53 ? 9   UFP B C2    1 
HETATM 356 C  C2    B UFP B 1 9 ? 2.583   3.222   21.200  0.50 37.95 ? 9   UFP B C2    1 
HETATM 357 N  N3    A UFP B 1 9 ? 0.312   4.620   20.395  0.50 44.23 ? 9   UFP B N3    1 
HETATM 358 N  N3    B UFP B 1 9 ? 1.481   2.420   21.247  0.50 34.72 ? 9   UFP B N3    1 
HETATM 359 C  C4    A UFP B 1 9 ? 0.219   3.462   19.658  0.50 38.18 ? 9   UFP B C4    1 
HETATM 360 C  C4    B UFP B 1 9 ? 0.497   2.468   20.287  0.50 35.57 ? 9   UFP B C4    1 
HETATM 361 C  C5    A UFP B 1 9 ? 1.399   3.064   18.983  0.50 39.86 ? 9   UFP B C5    1 
HETATM 362 C  C5    B UFP B 1 9 ? 0.702   3.399   19.239  0.50 38.84 ? 9   UFP B C5    1 
HETATM 363 C  C6    A UFP B 1 9 ? 2.520   3.764   19.060  0.50 36.20 ? 9   UFP B C6    1 
HETATM 364 C  C6    B UFP B 1 9 ? 1.770   4.182   19.181  0.50 40.95 ? 9   UFP B C6    1 
HETATM 365 O  O2    A UFP B 1 9 ? 1.493   6.388   21.159  0.50 37.63 ? 9   UFP B O2    1 
HETATM 366 O  O2    B UFP B 1 9 ? 3.438   3.166   22.083  0.50 36.14 ? 9   UFP B O2    1 
HETATM 367 O  O4    A UFP B 1 9 ? -0.831  2.819   19.591  0.50 32.52 ? 9   UFP B O4    1 
HETATM 368 O  O4    B UFP B 1 9 ? -0.496  1.739   20.331  0.50 35.58 ? 9   UFP B O4    1 
HETATM 369 F  F5    A UFP B 1 9 ? 1.333   1.780   18.149  0.50 43.91 ? 9   UFP B F5    1 
HETATM 370 F  F5    B UFP B 1 9 ? -0.370  3.466   18.146  0.50 41.09 ? 9   UFP B F5    1 
HETATM 371 C  "C1'" A UFP B 1 9 ? 3.805   5.716   19.913  0.50 39.50 ? 9   UFP B "C1'" 1 
HETATM 372 C  "C1'" B UFP B 1 9 ? 3.934   4.957   20.156  0.50 37.63 ? 9   UFP B "C1'" 1 
HETATM 373 C  "C2'" A UFP B 1 9 ? 4.985   4.788   20.172  0.50 36.80 ? 9   UFP B "C2'" 1 
HETATM 374 C  "C2'" B UFP B 1 9 ? 5.200   4.118   20.131  0.50 39.48 ? 9   UFP B "C2'" 1 
HETATM 375 C  "C3'" A UFP B 1 9 ? 6.155   5.673   19.730  0.50 37.59 ? 9   UFP B "C3'" 1 
HETATM 376 C  "C3'" B UFP B 1 9 ? 6.230   5.167   19.703  0.50 36.25 ? 9   UFP B "C3'" 1 
HETATM 377 C  "C4'" A UFP B 1 9 ? 5.557   6.651   18.721  0.50 37.56 ? 9   UFP B "C4'" 1 
HETATM 378 C  "C4'" B UFP B 1 9 ? 5.428   6.235   18.962  0.50 37.37 ? 9   UFP B "C4'" 1 
HETATM 379 O  "O3'" A UFP B 1 9 ? 6.773   6.326   20.854  0.50 44.43 ? 9   UFP B "O3'" 1 
HETATM 380 O  "O3'" B UFP B 1 9 ? 6.949   5.688   20.832  0.50 40.61 ? 9   UFP B "O3'" 1 
HETATM 381 O  "O4'" A UFP B 1 9 ? 4.159   6.428   18.714  0.50 37.17 ? 9   UFP B "O4'" 1 
HETATM 382 O  "O4'" B UFP B 1 9 ? 4.075   5.808   18.994  0.50 38.94 ? 9   UFP B "O4'" 1 
HETATM 383 C  "C5'" A UFP B 1 9 ? 6.100   6.505   17.311  0.50 40.94 ? 9   UFP B "C5'" 1 
HETATM 384 C  "C5'" B UFP B 1 9 ? 5.860   6.472   17.529  0.50 40.46 ? 9   UFP B "C5'" 1 
HETATM 385 O  "O5'" . UFP B 1 9 ? 5.575   5.257   16.785  1.00 42.69 ? 9   UFP B "O5'" 1 
HETATM 386 P  P     . UFP B 1 9 ? 4.504   5.307   15.604  1.00 50.80 ? 9   UFP B P     1 
HETATM 387 O  O1P   . UFP B 1 9 ? 3.327   4.429   15.895  1.00 40.21 ? 9   UFP B O1P   1 
HETATM 388 O  O2P   . UFP B 1 9 ? 4.120   6.687   15.213  1.00 44.86 ? 9   UFP B O2P   1 
HETATM 389 RH RH    . RHD C 2 . ? 2.726   -5.371  -5.037  1.00 15.18 ? 11  RHD A RH    1 
HETATM 390 N  N1    . RHD C 2 . ? 2.606   -6.235  -2.952  1.00 30.14 ? 11  RHD A N1    1 
HETATM 391 N  N2    . RHD C 2 . ? 4.356   -3.962  -4.374  1.00 20.25 ? 11  RHD A N2    1 
HETATM 392 N  N3    . RHD C 2 . ? 2.818   -4.553  -7.139  1.00 31.56 ? 11  RHD A N3    1 
HETATM 393 N  N4    . RHD C 2 . ? 1.069   -6.767  -5.680  1.00 23.08 ? 11  RHD A N4    1 
HETATM 394 N  N5    . RHD C 2 . ? 4.278   -6.919  -5.575  1.00 29.75 ? 11  RHD A N5    1 
HETATM 395 N  N6    . RHD C 2 . ? 1.186   -3.834  -4.464  1.00 15.16 ? 11  RHD A N6    1 
HETATM 396 RH RH    . RHD D 2 . ? 7.095   -15.063 -4.220  1.00 25.31 ? 12  RHD A RH    1 
HETATM 397 N  N1    . RHD D 2 . ? 6.916   -17.167 -3.403  1.00 32.08 ? 12  RHD A N1    1 
HETATM 398 N  N2    . RHD D 2 . ? 8.791   -14.649 -2.802  1.00 17.00 ? 12  RHD A N2    1 
HETATM 399 N  N3    . RHD D 2 . ? 7.256   -12.980 -5.056  1.00 23.74 ? 12  RHD A N3    1 
HETATM 400 N  N4    . RHD D 2 . ? 5.367   -15.473 -5.619  1.00 20.03 ? 12  RHD A N4    1 
HETATM 401 N  N5    . RHD D 2 . ? 8.559   -15.814 -5.752  1.00 27.31 ? 12  RHD A N5    1 
HETATM 402 N  N6    . RHD D 2 . ? 5.649   -14.349 -2.630  1.00 24.65 ? 12  RHD A N6    1 
HETATM 403 CL CL    . CL  E 3 . ? -6.235  -13.115 -21.061 1.00 23.21 ? 32  CL  A CL    1 
HETATM 404 CL CL    . CL  F 3 . ? -3.064  5.329   3.668   1.00 15.51 ? 31  CL  B CL    1 
HETATM 405 O  O     . HOH G 4 . ? -8.673  -1.652  -9.963  1.00 22.16 ? 101 HOH A O     1 
HETATM 406 O  O     . HOH G 4 . ? -4.111  -7.325  -14.159 1.00 16.63 ? 102 HOH A O     1 
HETATM 407 O  O     . HOH G 4 . ? 0.928   1.086   0.177   1.00 19.44 ? 105 HOH A O     1 
HETATM 408 O  O     . HOH G 4 . ? 8.384   10.396  5.246   1.00 24.09 ? 107 HOH A O     1 
HETATM 409 O  O     . HOH G 4 . ? -3.981  -4.353  0.610   1.00 13.62 ? 109 HOH A O     1 
HETATM 410 O  O     . HOH G 4 . ? -0.098  8.057   2.597   1.00 26.85 ? 111 HOH A O     1 
HETATM 411 O  O     . HOH G 4 . ? 5.209   0.030   -3.413  1.00 33.96 ? 112 HOH A O     1 
HETATM 412 O  O     . HOH G 4 . ? 4.926   -1.144  5.339   1.00 19.10 ? 113 HOH A O     1 
HETATM 413 O  O     . HOH G 4 . ? 5.685   6.079   -4.178  1.00 17.37 ? 115 HOH A O     1 
HETATM 414 O  O     . HOH G 4 . ? -9.621  -7.104  -15.889 1.00 31.56 ? 116 HOH A O     1 
HETATM 415 O  O     . HOH G 4 . ? 1.175   -6.319  -8.835  1.00 14.15 ? 117 HOH A O     1 
HETATM 416 O  O     . HOH G 4 . ? -4.301  -9.486  -13.410 1.00 24.66 ? 118 HOH A O     1 
HETATM 417 O  O     . HOH G 4 . ? 3.372   -3.234  -1.823  1.00 24.10 ? 119 HOH A O     1 
HETATM 418 O  O     . HOH G 4 . ? -8.225  -1.251  -13.500 1.00 21.34 ? 121 HOH A O     1 
HETATM 419 O  O     . HOH G 4 . ? 11.820  3.111   3.702   1.00 45.57 ? 124 HOH A O     1 
HETATM 420 O  O     . HOH G 4 . ? 5.030   -3.474  6.906   1.00 19.24 ? 125 HOH A O     1 
HETATM 421 O  O     . HOH G 4 . ? -1.601  -3.539  3.861   1.00 19.07 ? 126 HOH A O     1 
HETATM 422 O  O     . HOH G 4 . ? 2.752   -7.981  4.464   1.00 19.36 ? 127 HOH A O     1 
HETATM 423 O  O     . HOH G 4 . ? -6.646  -2.048  -7.325  1.00 20.60 ? 128 HOH A O     1 
HETATM 424 O  O     . HOH G 4 . ? 1.099   -1.164  -2.032  1.00 16.17 ? 129 HOH A O     1 
HETATM 425 O  O     . HOH G 4 . ? 3.361   0.996   -0.379  1.00 21.44 ? 130 HOH A O     1 
HETATM 426 O  O     . HOH G 4 . ? 2.971   8.724   -0.171  1.00 36.90 ? 131 HOH A O     1 
HETATM 427 O  O     . HOH G 4 . ? -2.493  -7.642  -10.707 1.00 16.89 ? 134 HOH A O     1 
HETATM 428 O  O     . HOH G 4 . ? -7.801  -8.449  -15.479 1.00 35.90 ? 136 HOH A O     1 
HETATM 429 O  O     . HOH G 4 . ? 7.225   6.948   -7.737  1.00 32.56 ? 137 HOH A O     1 
HETATM 430 O  O     . HOH G 4 . ? 6.994   -4.483  -2.768  1.00 15.85 ? 138 HOH A O     1 
HETATM 431 O  O     . HOH G 4 . ? 7.351   -4.506  -5.436  1.00 44.39 ? 139 HOH A O     1 
HETATM 432 O  O     . HOH G 4 . ? 2.982   2.641   -2.422  1.00 40.61 ? 141 HOH A O     1 
HETATM 433 O  O     . HOH G 4 . ? 4.913   -2.962  9.483   1.00 29.79 ? 143 HOH A O     1 
HETATM 434 O  O     . HOH G 4 . ? 7.857   7.497   -5.426  1.00 35.95 ? 145 HOH A O     1 
HETATM 435 O  O     . HOH G 4 . ? -9.435  -10.573 -18.619 1.00 62.51 ? 147 HOH A O     1 
HETATM 436 O  O     . HOH G 4 . ? -0.980  -8.147  -8.906  1.00 22.51 ? 149 HOH A O     1 
HETATM 437 O  O     . HOH H 4 . ? -7.169  -1.206  -4.728  1.00 13.80 ? 103 HOH B O     1 
HETATM 438 O  O     . HOH H 4 . ? -7.554  1.572   -7.374  1.00 13.10 ? 104 HOH B O     1 
HETATM 439 O  O     . HOH H 4 . ? -1.663  2.445   12.352  1.00 56.86 ? 106 HOH B O     1 
HETATM 440 O  O     . HOH H 4 . ? 4.182   2.326   16.261  1.00 41.44 ? 108 HOH B O     1 
HETATM 441 O  O     . HOH H 4 . ? -5.315  3.135   0.692   1.00 25.31 ? 110 HOH B O     1 
HETATM 442 O  O     . HOH H 4 . ? 10.847  6.774   17.442  1.00 31.17 ? 114 HOH B O     1 
HETATM 443 O  O     . HOH H 4 . ? -9.543  -2.402  -5.129  1.00 24.91 ? 120 HOH B O     1 
HETATM 444 O  O     . HOH H 4 . ? -2.743  2.843   -2.441  1.00 17.40 ? 122 HOH B O     1 
HETATM 445 O  O     . HOH H 4 . ? -10.658 -3.722  6.835   1.00 52.19 ? 123 HOH B O     1 
HETATM 446 O  O     . HOH H 4 . ? 9.337   6.899   21.590  1.00 36.05 ? 132 HOH B O     1 
HETATM 447 O  O     . HOH H 4 . ? -4.461  7.468   -10.771 1.00 32.76 ? 133 HOH B O     1 
HETATM 448 O  O     . HOH H 4 . ? -8.160  -4.949  1.472   1.00 29.80 ? 135 HOH B O     1 
HETATM 449 O  O     . HOH H 4 . ? 4.793   -1.444  -12.451 1.00 42.82 ? 140 HOH B O     1 
HETATM 450 O  O     . HOH H 4 . ? -0.227  -4.083  8.578   1.00 39.74 ? 142 HOH B O     1 
HETATM 451 O  O     . HOH H 4 . ? 6.055   0.311   7.053   1.00 28.58 ? 144 HOH B O     1 
HETATM 452 O  O     . HOH H 4 . ? 3.834   3.308   -6.014  1.00 30.92 ? 146 HOH B O     1 
HETATM 453 O  O     . HOH H 4 . ? 4.903   5.696   -14.929 1.00 34.91 ? 148 HOH B O     1 
HETATM 454 O  O     . HOH H 4 . ? 10.046  7.194   19.499  1.00 39.56 ? 150 HOH B O     1 
# 
loop_
_atom_site_anisotrop.id 
_atom_site_anisotrop.type_symbol 
_atom_site_anisotrop.pdbx_label_atom_id 
_atom_site_anisotrop.pdbx_label_alt_id 
_atom_site_anisotrop.pdbx_label_comp_id 
_atom_site_anisotrop.pdbx_label_asym_id 
_atom_site_anisotrop.pdbx_label_seq_id 
_atom_site_anisotrop.pdbx_PDB_ins_code 
_atom_site_anisotrop.U[1][1] 
_atom_site_anisotrop.U[2][2] 
_atom_site_anisotrop.U[3][3] 
_atom_site_anisotrop.U[1][2] 
_atom_site_anisotrop.U[1][3] 
_atom_site_anisotrop.U[2][3] 
_atom_site_anisotrop.pdbx_auth_seq_id 
_atom_site_anisotrop.pdbx_auth_comp_id 
_atom_site_anisotrop.pdbx_auth_asym_id 
_atom_site_anisotrop.pdbx_auth_atom_id 
389 RH RH . RHD C . ? 0.2195 0.2205 0.1367 -0.0011 0.0380  0.0130 11 RHD A RH 
396 RH RH . RHD D . ? 0.2956 0.3797 0.2863 -0.1168 -0.1110 0.1063 12 RHD A RH 
# 
loop_
_pdbx_poly_seq_scheme.asym_id 
_pdbx_poly_seq_scheme.entity_id 
_pdbx_poly_seq_scheme.seq_id 
_pdbx_poly_seq_scheme.mon_id 
_pdbx_poly_seq_scheme.ndb_seq_num 
_pdbx_poly_seq_scheme.pdb_seq_num 
_pdbx_poly_seq_scheme.auth_seq_num 
_pdbx_poly_seq_scheme.pdb_mon_id 
_pdbx_poly_seq_scheme.auth_mon_id 
_pdbx_poly_seq_scheme.pdb_strand_id 
_pdbx_poly_seq_scheme.pdb_ins_code 
_pdbx_poly_seq_scheme.hetero 
A 1 1 G   1 1 1 G   G  A . n 
A 1 2 C   2 2 2 C   C  A . n 
A 1 3 U   3 3 3 U   U  A . n 
A 1 4 U   4 4 4 U   U  A . n 
A 1 5 C   5 5 5 C   C  A . n 
A 1 6 G   6 6 6 G   G  A . n 
A 1 7 G   7 7 7 G   G  A . n 
A 1 8 C   8 8 8 C   C  A . n 
A 1 9 UFP 9 9 9 UFP +U A . n 
B 1 1 G   1 1 1 G   G  B . n 
B 1 2 C   2 2 2 C   C  B . n 
B 1 3 U   3 3 3 U   U  B . n 
B 1 4 U   4 4 4 U   U  B . n 
B 1 5 C   5 5 5 C   C  B . n 
B 1 6 G   6 6 6 G   G  B . n 
B 1 7 G   7 7 7 G   G  B . n 
B 1 8 C   8 8 8 C   C  B . n 
B 1 9 UFP 9 9 9 UFP +U B . n 
# 
loop_
_pdbx_nonpoly_scheme.asym_id 
_pdbx_nonpoly_scheme.entity_id 
_pdbx_nonpoly_scheme.mon_id 
_pdbx_nonpoly_scheme.ndb_seq_num 
_pdbx_nonpoly_scheme.pdb_seq_num 
_pdbx_nonpoly_scheme.auth_seq_num 
_pdbx_nonpoly_scheme.pdb_mon_id 
_pdbx_nonpoly_scheme.auth_mon_id 
_pdbx_nonpoly_scheme.pdb_strand_id 
_pdbx_nonpoly_scheme.pdb_ins_code 
C 2 RHD 1  11  11  RHD RHO A . 
D 2 RHD 1  12  12  RHD RHO A . 
E 3 CL  1  32  32  CL  CL  A . 
F 3 CL  1  31  31  CL  CL  B . 
G 4 HOH 1  101 101 HOH HOH A . 
G 4 HOH 2  102 102 HOH HOH A . 
G 4 HOH 3  105 105 HOH HOH A . 
G 4 HOH 4  107 107 HOH HOH A . 
G 4 HOH 5  109 109 HOH HOH A . 
G 4 HOH 6  111 111 HOH HOH A . 
G 4 HOH 7  112 112 HOH HOH A . 
G 4 HOH 8  113 113 HOH HOH A . 
G 4 HOH 9  115 115 HOH HOH A . 
G 4 HOH 10 116 116 HOH HOH A . 
G 4 HOH 11 117 117 HOH HOH A . 
G 4 HOH 12 118 118 HOH HOH A . 
G 4 HOH 13 119 119 HOH HOH A . 
G 4 HOH 14 121 121 HOH HOH A . 
G 4 HOH 15 124 124 HOH HOH A . 
G 4 HOH 16 125 125 HOH HOH A . 
G 4 HOH 17 126 126 HOH HOH A . 
G 4 HOH 18 127 127 HOH HOH A . 
G 4 HOH 19 128 128 HOH HOH A . 
G 4 HOH 20 129 129 HOH HOH A . 
G 4 HOH 21 130 130 HOH HOH A . 
G 4 HOH 22 131 131 HOH HOH A . 
G 4 HOH 23 134 134 HOH HOH A . 
G 4 HOH 24 136 136 HOH HOH A . 
G 4 HOH 25 137 137 HOH HOH A . 
G 4 HOH 26 138 138 HOH HOH A . 
G 4 HOH 27 139 139 HOH HOH A . 
G 4 HOH 28 141 141 HOH HOH A . 
G 4 HOH 29 143 143 HOH HOH A . 
G 4 HOH 30 145 145 HOH HOH A . 
G 4 HOH 31 147 147 HOH HOH A . 
G 4 HOH 32 149 149 HOH HOH A . 
H 4 HOH 1  103 103 HOH HOH B . 
H 4 HOH 2  104 104 HOH HOH B . 
H 4 HOH 3  106 106 HOH HOH B . 
H 4 HOH 4  108 108 HOH HOH B . 
H 4 HOH 5  110 110 HOH HOH B . 
H 4 HOH 6  114 114 HOH HOH B . 
H 4 HOH 7  120 120 HOH HOH B . 
H 4 HOH 8  122 122 HOH HOH B . 
H 4 HOH 9  123 123 HOH HOH B . 
H 4 HOH 10 132 132 HOH HOH B . 
H 4 HOH 11 133 133 HOH HOH B . 
H 4 HOH 12 135 135 HOH HOH B . 
H 4 HOH 13 140 140 HOH HOH B . 
H 4 HOH 14 142 142 HOH HOH B . 
H 4 HOH 15 144 144 HOH HOH B . 
H 4 HOH 16 146 146 HOH HOH B . 
H 4 HOH 17 148 148 HOH HOH B . 
H 4 HOH 18 150 150 HOH HOH B . 
# 
_pdbx_struct_assembly.id                   1 
_pdbx_struct_assembly.details              author_defined_assembly 
_pdbx_struct_assembly.method_details       ? 
_pdbx_struct_assembly.oligomeric_details   dimeric 
_pdbx_struct_assembly.oligomeric_count     2 
# 
_pdbx_struct_assembly_gen.assembly_id       1 
_pdbx_struct_assembly_gen.oper_expression   1 
_pdbx_struct_assembly_gen.asym_id_list      A,B,C,D,E,F,G,H 
# 
_pdbx_struct_oper_list.id                   1 
_pdbx_struct_oper_list.type                 'identity operation' 
_pdbx_struct_oper_list.name                 1_555 
_pdbx_struct_oper_list.symmetry_operation   x,y,z 
_pdbx_struct_oper_list.matrix[1][1]         1.0000000000 
_pdbx_struct_oper_list.matrix[1][2]         0.0000000000 
_pdbx_struct_oper_list.matrix[1][3]         0.0000000000 
_pdbx_struct_oper_list.vector[1]            0.0000000000 
_pdbx_struct_oper_list.matrix[2][1]         0.0000000000 
_pdbx_struct_oper_list.matrix[2][2]         1.0000000000 
_pdbx_struct_oper_list.matrix[2][3]         0.0000000000 
_pdbx_struct_oper_list.vector[2]            0.0000000000 
_pdbx_struct_oper_list.matrix[3][1]         0.0000000000 
_pdbx_struct_oper_list.matrix[3][2]         0.0000000000 
_pdbx_struct_oper_list.matrix[3][3]         1.0000000000 
_pdbx_struct_oper_list.vector[3]            0.0000000000 
# 
loop_
_pdbx_audit_revision_history.ordinal 
_pdbx_audit_revision_history.data_content_type 
_pdbx_audit_revision_history.major_revision 
_pdbx_audit_revision_history.minor_revision 
_pdbx_audit_revision_history.revision_date 
1 'Structure model' 1 0 2001-04-12 
2 'Structure model' 1 1 2008-04-27 
3 'Structure model' 1 2 2011-07-13 
4 'Structure model' 1 3 2023-08-09 
# 
_pdbx_audit_revision_details.ordinal             1 
_pdbx_audit_revision_details.revision_ordinal    1 
_pdbx_audit_revision_details.data_content_type   'Structure model' 
_pdbx_audit_revision_details.provider            repository 
_pdbx_audit_revision_details.type                'Initial release' 
_pdbx_audit_revision_details.description         ? 
_pdbx_audit_revision_details.details             ? 
# 
loop_
_pdbx_audit_revision_group.ordinal 
_pdbx_audit_revision_group.revision_ordinal 
_pdbx_audit_revision_group.data_content_type 
_pdbx_audit_revision_group.group 
1 2 'Structure model' 'Version format compliance' 
2 3 'Structure model' 'Version format compliance' 
3 4 'Structure model' 'Data collection'           
4 4 'Structure model' 'Database references'       
5 4 'Structure model' 'Derived calculations'      
6 4 'Structure model' 'Refinement description'    
# 
loop_
_pdbx_audit_revision_category.ordinal 
_pdbx_audit_revision_category.revision_ordinal 
_pdbx_audit_revision_category.data_content_type 
_pdbx_audit_revision_category.category 
1 4 'Structure model' chem_comp_atom                
2 4 'Structure model' chem_comp_bond                
3 4 'Structure model' database_2                    
4 4 'Structure model' pdbx_initial_refinement_model 
5 4 'Structure model' struct_conn                   
6 4 'Structure model' struct_site                   
# 
loop_
_pdbx_audit_revision_item.ordinal 
_pdbx_audit_revision_item.revision_ordinal 
_pdbx_audit_revision_item.data_content_type 
_pdbx_audit_revision_item.item 
1 4 'Structure model' '_database_2.pdbx_DOI'                
2 4 'Structure model' '_database_2.pdbx_database_accession' 
3 4 'Structure model' '_struct_conn.pdbx_leaving_atom_flag' 
4 4 'Structure model' '_struct_site.pdbx_auth_asym_id'      
5 4 'Structure model' '_struct_site.pdbx_auth_comp_id'      
6 4 'Structure model' '_struct_site.pdbx_auth_seq_id'       
# 
loop_
_software.name 
_software.classification 
_software.version 
_software.citation_id 
_software.pdbx_ordinal 
MOSFLM    'data reduction' .         ? 1 
SCALA     'data scaling'   .         ? 2 
AMoRE     phasing          .         ? 3 
SHELXL-97 refinement       .         ? 4 
CCP4      'data scaling'   '(SCALA)' ? 5 
# 
loop_
_pdbx_validate_rmsd_angle.id 
_pdbx_validate_rmsd_angle.PDB_model_num 
_pdbx_validate_rmsd_angle.auth_atom_id_1 
_pdbx_validate_rmsd_angle.auth_asym_id_1 
_pdbx_validate_rmsd_angle.auth_comp_id_1 
_pdbx_validate_rmsd_angle.auth_seq_id_1 
_pdbx_validate_rmsd_angle.PDB_ins_code_1 
_pdbx_validate_rmsd_angle.label_alt_id_1 
_pdbx_validate_rmsd_angle.auth_atom_id_2 
_pdbx_validate_rmsd_angle.auth_asym_id_2 
_pdbx_validate_rmsd_angle.auth_comp_id_2 
_pdbx_validate_rmsd_angle.auth_seq_id_2 
_pdbx_validate_rmsd_angle.PDB_ins_code_2 
_pdbx_validate_rmsd_angle.label_alt_id_2 
_pdbx_validate_rmsd_angle.auth_atom_id_3 
_pdbx_validate_rmsd_angle.auth_asym_id_3 
_pdbx_validate_rmsd_angle.auth_comp_id_3 
_pdbx_validate_rmsd_angle.auth_seq_id_3 
_pdbx_validate_rmsd_angle.PDB_ins_code_3 
_pdbx_validate_rmsd_angle.label_alt_id_3 
_pdbx_validate_rmsd_angle.angle_value 
_pdbx_validate_rmsd_angle.angle_target_value 
_pdbx_validate_rmsd_angle.angle_deviation 
_pdbx_validate_rmsd_angle.angle_standard_deviation 
_pdbx_validate_rmsd_angle.linker_flag 
1  1 C2    A C 2 ? ? N3    A C 2 ? ? C4    A C   2 ? ? 124.07 119.90 4.17  0.50 N 
2  1 N3    A C 2 ? ? C4    A C 2 ? ? C5    A C   2 ? ? 118.56 121.90 -3.34 0.40 N 
3  1 C5    A C 2 ? ? C6    A C 2 ? ? N1    A C   2 ? ? 124.55 121.00 3.55  0.50 N 
4  1 C2    A U 3 ? ? N3    A U 3 ? ? C4    A U   3 ? ? 121.74 127.00 -5.26 0.60 N 
5  1 N3    A U 3 ? ? C4    A U 3 ? ? C5    A U   3 ? ? 118.79 114.60 4.19  0.60 N 
6  1 C5    A U 3 ? ? C4    A U 3 ? ? O4    A U   3 ? ? 120.26 125.90 -5.64 0.60 N 
7  1 "O5'" A U 4 ? ? "C5'" A U 4 ? ? "C4'" A U   4 ? ? 104.29 109.40 -5.11 0.80 N 
8  1 N1    A U 4 ? ? C2    A U 4 ? ? N3    A U   4 ? ? 118.70 114.90 3.80  0.60 N 
9  1 C2    A U 4 ? ? N3    A U 4 ? ? C4    A U   4 ? ? 122.90 127.00 -4.10 0.60 N 
10 1 C5    A U 4 ? ? C4    A U 4 ? ? O4    A U   4 ? ? 121.05 125.90 -4.85 0.60 N 
11 1 N3    A C 5 ? ? C4    A C 5 ? ? C5    A C   5 ? ? 119.46 121.90 -2.44 0.40 N 
12 1 C4    A G 6 ? ? C5    A G 6 ? ? C6    A G   6 ? ? 114.67 118.80 -4.13 0.60 N 
13 1 C5    A G 6 ? ? C6    A G 6 ? ? N1    A G   6 ? ? 116.11 111.50 4.61  0.50 N 
14 1 C5    A G 6 ? ? C6    A G 6 ? ? O6    A G   6 ? ? 121.27 128.60 -7.33 0.60 N 
15 1 C5    A G 7 ? ? C6    A G 7 ? ? N1    A G   7 ? ? 114.70 111.50 3.20  0.50 N 
16 1 N3    A C 8 ? ? C4    A C 8 ? ? C5    A C   8 ? ? 119.49 121.90 -2.41 0.40 N 
17 1 "C3'" A C 8 ? ? "O3'" A C 8 ? ? P     A UFP 9 ? ? 129.28 119.70 9.58  1.20 Y 
18 1 C6    B G 1 ? ? N1    B G 1 ? ? C2    B G   1 ? ? 121.21 125.10 -3.89 0.60 N 
19 1 N3    B C 2 ? ? C4    B C 2 ? ? C5    B C   2 ? ? 118.58 121.90 -3.32 0.40 N 
20 1 C5    B C 2 ? ? C6    B C 2 ? ? N1    B C   2 ? ? 124.25 121.00 3.25  0.50 N 
21 1 C6    B U 3 ? ? N1    B U 3 ? ? C2    B U   3 ? ? 117.25 121.00 -3.75 0.60 N 
22 1 N1    B U 3 ? ? C2    B U 3 ? ? N3    B U   3 ? ? 118.78 114.90 3.88  0.60 N 
23 1 C2    B U 4 ? ? N3    B U 4 ? ? C4    B U   4 ? ? 123.10 127.00 -3.90 0.60 N 
24 1 C5    B U 4 ? ? C4    B U 4 ? ? O4    B U   4 ? ? 122.14 125.90 -3.76 0.60 N 
25 1 OP1   B C 5 ? ? P     B C 5 ? ? OP2   B C   5 ? ? 110.48 119.60 -9.12 1.50 N 
26 1 N3    B C 5 ? ? C4    B C 5 ? ? C5    B C   5 ? ? 118.66 121.90 -3.24 0.40 N 
27 1 "O5'" B G 6 ? ? "C5'" B G 6 ? ? "C4'" B G   6 ? ? 103.38 109.40 -6.02 0.80 N 
28 1 N3    B C 8 ? ? C4    B C 8 ? ? C5    B C   8 ? ? 119.27 121.90 -2.63 0.40 N 
# 
loop_
_chem_comp_atom.comp_id 
_chem_comp_atom.atom_id 
_chem_comp_atom.type_symbol 
_chem_comp_atom.pdbx_aromatic_flag 
_chem_comp_atom.pdbx_stereo_config 
_chem_comp_atom.pdbx_ordinal 
C   OP3    O  N N 1   
C   P      P  N N 2   
C   OP1    O  N N 3   
C   OP2    O  N N 4   
C   "O5'"  O  N N 5   
C   "C5'"  C  N N 6   
C   "C4'"  C  N R 7   
C   "O4'"  O  N N 8   
C   "C3'"  C  N S 9   
C   "O3'"  O  N N 10  
C   "C2'"  C  N R 11  
C   "O2'"  O  N N 12  
C   "C1'"  C  N R 13  
C   N1     N  N N 14  
C   C2     C  N N 15  
C   O2     O  N N 16  
C   N3     N  N N 17  
C   C4     C  N N 18  
C   N4     N  N N 19  
C   C5     C  N N 20  
C   C6     C  N N 21  
C   HOP3   H  N N 22  
C   HOP2   H  N N 23  
C   "H5'"  H  N N 24  
C   "H5''" H  N N 25  
C   "H4'"  H  N N 26  
C   "H3'"  H  N N 27  
C   "HO3'" H  N N 28  
C   "H2'"  H  N N 29  
C   "HO2'" H  N N 30  
C   "H1'"  H  N N 31  
C   H41    H  N N 32  
C   H42    H  N N 33  
C   H5     H  N N 34  
C   H6     H  N N 35  
CL  CL     CL N N 36  
G   OP3    O  N N 37  
G   P      P  N N 38  
G   OP1    O  N N 39  
G   OP2    O  N N 40  
G   "O5'"  O  N N 41  
G   "C5'"  C  N N 42  
G   "C4'"  C  N R 43  
G   "O4'"  O  N N 44  
G   "C3'"  C  N S 45  
G   "O3'"  O  N N 46  
G   "C2'"  C  N R 47  
G   "O2'"  O  N N 48  
G   "C1'"  C  N R 49  
G   N9     N  Y N 50  
G   C8     C  Y N 51  
G   N7     N  Y N 52  
G   C5     C  Y N 53  
G   C6     C  N N 54  
G   O6     O  N N 55  
G   N1     N  N N 56  
G   C2     C  N N 57  
G   N2     N  N N 58  
G   N3     N  N N 59  
G   C4     C  Y N 60  
G   HOP3   H  N N 61  
G   HOP2   H  N N 62  
G   "H5'"  H  N N 63  
G   "H5''" H  N N 64  
G   "H4'"  H  N N 65  
G   "H3'"  H  N N 66  
G   "HO3'" H  N N 67  
G   "H2'"  H  N N 68  
G   "HO2'" H  N N 69  
G   "H1'"  H  N N 70  
G   H8     H  N N 71  
G   H1     H  N N 72  
G   H21    H  N N 73  
G   H22    H  N N 74  
HOH O      O  N N 75  
HOH H1     H  N N 76  
HOH H2     H  N N 77  
RHD RH     RH N N 78  
RHD N1     N  N N 79  
RHD N2     N  N N 80  
RHD N3     N  N N 81  
RHD N4     N  N N 82  
RHD N5     N  N N 83  
RHD N6     N  N N 84  
RHD HN11   H  N N 85  
RHD HN12   H  N N 86  
RHD HN13   H  N N 87  
RHD HN21   H  N N 88  
RHD HN22   H  N N 89  
RHD HN23   H  N N 90  
RHD HN31   H  N N 91  
RHD HN32   H  N N 92  
RHD HN33   H  N N 93  
RHD HN41   H  N N 94  
RHD HN42   H  N N 95  
RHD HN43   H  N N 96  
RHD HN51   H  N N 97  
RHD HN52   H  N N 98  
RHD HN53   H  N N 99  
RHD HN61   H  N N 100 
RHD HN62   H  N N 101 
RHD HN63   H  N N 102 
U   OP3    O  N N 103 
U   P      P  N N 104 
U   OP1    O  N N 105 
U   OP2    O  N N 106 
U   "O5'"  O  N N 107 
U   "C5'"  C  N N 108 
U   "C4'"  C  N R 109 
U   "O4'"  O  N N 110 
U   "C3'"  C  N S 111 
U   "O3'"  O  N N 112 
U   "C2'"  C  N R 113 
U   "O2'"  O  N N 114 
U   "C1'"  C  N R 115 
U   N1     N  N N 116 
U   C2     C  N N 117 
U   O2     O  N N 118 
U   N3     N  N N 119 
U   C4     C  N N 120 
U   O4     O  N N 121 
U   C5     C  N N 122 
U   C6     C  N N 123 
U   HOP3   H  N N 124 
U   HOP2   H  N N 125 
U   "H5'"  H  N N 126 
U   "H5''" H  N N 127 
U   "H4'"  H  N N 128 
U   "H3'"  H  N N 129 
U   "HO3'" H  N N 130 
U   "H2'"  H  N N 131 
U   "HO2'" H  N N 132 
U   "H1'"  H  N N 133 
U   H3     H  N N 134 
U   H5     H  N N 135 
U   H6     H  N N 136 
UFP N1     N  N N 137 
UFP C2     C  N N 138 
UFP N3     N  N N 139 
UFP C4     C  N N 140 
UFP C5     C  N N 141 
UFP C6     C  N N 142 
UFP O2     O  N N 143 
UFP O4     O  N N 144 
UFP F5     F  N N 145 
UFP "C1'"  C  N R 146 
UFP "C2'"  C  N N 147 
UFP "C3'"  C  N S 148 
UFP "C4'"  C  N R 149 
UFP "O3'"  O  N N 150 
UFP "O4'"  O  N N 151 
UFP "C5'"  C  N N 152 
UFP "O5'"  O  N N 153 
UFP P      P  N N 154 
UFP O1P    O  N N 155 
UFP O2P    O  N N 156 
UFP O3P    O  N N 157 
UFP HN3    H  N N 158 
UFP H6     H  N N 159 
UFP "H1'"  H  N N 160 
UFP "H2'1" H  N N 161 
UFP "H2'2" H  N N 162 
UFP "H3'"  H  N N 163 
UFP "H4'"  H  N N 164 
UFP "HO3'" H  N N 165 
UFP "H5'1" H  N N 166 
UFP "H5'2" H  N N 167 
UFP HOP2   H  N N 168 
UFP HOP3   H  N N 169 
# 
loop_
_chem_comp_bond.comp_id 
_chem_comp_bond.atom_id_1 
_chem_comp_bond.atom_id_2 
_chem_comp_bond.value_order 
_chem_comp_bond.pdbx_aromatic_flag 
_chem_comp_bond.pdbx_stereo_config 
_chem_comp_bond.pdbx_ordinal 
C   OP3   P      sing N N 1   
C   OP3   HOP3   sing N N 2   
C   P     OP1    doub N N 3   
C   P     OP2    sing N N 4   
C   P     "O5'"  sing N N 5   
C   OP2   HOP2   sing N N 6   
C   "O5'" "C5'"  sing N N 7   
C   "C5'" "C4'"  sing N N 8   
C   "C5'" "H5'"  sing N N 9   
C   "C5'" "H5''" sing N N 10  
C   "C4'" "O4'"  sing N N 11  
C   "C4'" "C3'"  sing N N 12  
C   "C4'" "H4'"  sing N N 13  
C   "O4'" "C1'"  sing N N 14  
C   "C3'" "O3'"  sing N N 15  
C   "C3'" "C2'"  sing N N 16  
C   "C3'" "H3'"  sing N N 17  
C   "O3'" "HO3'" sing N N 18  
C   "C2'" "O2'"  sing N N 19  
C   "C2'" "C1'"  sing N N 20  
C   "C2'" "H2'"  sing N N 21  
C   "O2'" "HO2'" sing N N 22  
C   "C1'" N1     sing N N 23  
C   "C1'" "H1'"  sing N N 24  
C   N1    C2     sing N N 25  
C   N1    C6     sing N N 26  
C   C2    O2     doub N N 27  
C   C2    N3     sing N N 28  
C   N3    C4     doub N N 29  
C   C4    N4     sing N N 30  
C   C4    C5     sing N N 31  
C   N4    H41    sing N N 32  
C   N4    H42    sing N N 33  
C   C5    C6     doub N N 34  
C   C5    H5     sing N N 35  
C   C6    H6     sing N N 36  
G   OP3   P      sing N N 37  
G   OP3   HOP3   sing N N 38  
G   P     OP1    doub N N 39  
G   P     OP2    sing N N 40  
G   P     "O5'"  sing N N 41  
G   OP2   HOP2   sing N N 42  
G   "O5'" "C5'"  sing N N 43  
G   "C5'" "C4'"  sing N N 44  
G   "C5'" "H5'"  sing N N 45  
G   "C5'" "H5''" sing N N 46  
G   "C4'" "O4'"  sing N N 47  
G   "C4'" "C3'"  sing N N 48  
G   "C4'" "H4'"  sing N N 49  
G   "O4'" "C1'"  sing N N 50  
G   "C3'" "O3'"  sing N N 51  
G   "C3'" "C2'"  sing N N 52  
G   "C3'" "H3'"  sing N N 53  
G   "O3'" "HO3'" sing N N 54  
G   "C2'" "O2'"  sing N N 55  
G   "C2'" "C1'"  sing N N 56  
G   "C2'" "H2'"  sing N N 57  
G   "O2'" "HO2'" sing N N 58  
G   "C1'" N9     sing N N 59  
G   "C1'" "H1'"  sing N N 60  
G   N9    C8     sing Y N 61  
G   N9    C4     sing Y N 62  
G   C8    N7     doub Y N 63  
G   C8    H8     sing N N 64  
G   N7    C5     sing Y N 65  
G   C5    C6     sing N N 66  
G   C5    C4     doub Y N 67  
G   C6    O6     doub N N 68  
G   C6    N1     sing N N 69  
G   N1    C2     sing N N 70  
G   N1    H1     sing N N 71  
G   C2    N2     sing N N 72  
G   C2    N3     doub N N 73  
G   N2    H21    sing N N 74  
G   N2    H22    sing N N 75  
G   N3    C4     sing N N 76  
HOH O     H1     sing N N 77  
HOH O     H2     sing N N 78  
RHD RH    N1     sing N N 79  
RHD RH    N2     sing N N 80  
RHD RH    N3     sing N N 81  
RHD RH    N4     sing N N 82  
RHD RH    N5     sing N N 83  
RHD RH    N6     sing N N 84  
RHD N1    HN11   sing N N 85  
RHD N1    HN12   sing N N 86  
RHD N1    HN13   sing N N 87  
RHD N2    HN21   sing N N 88  
RHD N2    HN22   sing N N 89  
RHD N2    HN23   sing N N 90  
RHD N3    HN31   sing N N 91  
RHD N3    HN32   sing N N 92  
RHD N3    HN33   sing N N 93  
RHD N4    HN41   sing N N 94  
RHD N4    HN42   sing N N 95  
RHD N4    HN43   sing N N 96  
RHD N5    HN51   sing N N 97  
RHD N5    HN52   sing N N 98  
RHD N5    HN53   sing N N 99  
RHD N6    HN61   sing N N 100 
RHD N6    HN62   sing N N 101 
RHD N6    HN63   sing N N 102 
U   OP3   P      sing N N 103 
U   OP3   HOP3   sing N N 104 
U   P     OP1    doub N N 105 
U   P     OP2    sing N N 106 
U   P     "O5'"  sing N N 107 
U   OP2   HOP2   sing N N 108 
U   "O5'" "C5'"  sing N N 109 
U   "C5'" "C4'"  sing N N 110 
U   "C5'" "H5'"  sing N N 111 
U   "C5'" "H5''" sing N N 112 
U   "C4'" "O4'"  sing N N 113 
U   "C4'" "C3'"  sing N N 114 
U   "C4'" "H4'"  sing N N 115 
U   "O4'" "C1'"  sing N N 116 
U   "C3'" "O3'"  sing N N 117 
U   "C3'" "C2'"  sing N N 118 
U   "C3'" "H3'"  sing N N 119 
U   "O3'" "HO3'" sing N N 120 
U   "C2'" "O2'"  sing N N 121 
U   "C2'" "C1'"  sing N N 122 
U   "C2'" "H2'"  sing N N 123 
U   "O2'" "HO2'" sing N N 124 
U   "C1'" N1     sing N N 125 
U   "C1'" "H1'"  sing N N 126 
U   N1    C2     sing N N 127 
U   N1    C6     sing N N 128 
U   C2    O2     doub N N 129 
U   C2    N3     sing N N 130 
U   N3    C4     sing N N 131 
U   N3    H3     sing N N 132 
U   C4    O4     doub N N 133 
U   C4    C5     sing N N 134 
U   C5    C6     doub N N 135 
U   C5    H5     sing N N 136 
U   C6    H6     sing N N 137 
UFP N1    C2     sing N N 138 
UFP N1    C6     sing N N 139 
UFP N1    "C1'"  sing N N 140 
UFP C2    N3     sing N N 141 
UFP C2    O2     doub N N 142 
UFP N3    C4     sing N N 143 
UFP N3    HN3    sing N N 144 
UFP C4    C5     sing N N 145 
UFP C4    O4     doub N N 146 
UFP C5    C6     doub N N 147 
UFP C5    F5     sing N N 148 
UFP C6    H6     sing N N 149 
UFP "C1'" "C2'"  sing N N 150 
UFP "C1'" "O4'"  sing N N 151 
UFP "C1'" "H1'"  sing N N 152 
UFP "C2'" "C3'"  sing N N 153 
UFP "C2'" "H2'1" sing N N 154 
UFP "C2'" "H2'2" sing N N 155 
UFP "C3'" "C4'"  sing N N 156 
UFP "C3'" "O3'"  sing N N 157 
UFP "C3'" "H3'"  sing N N 158 
UFP "C4'" "O4'"  sing N N 159 
UFP "C4'" "C5'"  sing N N 160 
UFP "C4'" "H4'"  sing N N 161 
UFP "O3'" "HO3'" sing N N 162 
UFP "C5'" "O5'"  sing N N 163 
UFP "C5'" "H5'1" sing N N 164 
UFP "C5'" "H5'2" sing N N 165 
UFP "O5'" P      sing N N 166 
UFP P     O1P    doub N N 167 
UFP P     O2P    sing N N 168 
UFP P     O3P    sing N N 169 
UFP O2P   HOP2   sing N N 170 
UFP O3P   HOP3   sing N N 171 
# 
loop_
_ndb_struct_conf_na.entry_id 
_ndb_struct_conf_na.feature 
1ID9 'double helix'         
1ID9 'a-form double helix'  
1ID9 'mismatched base pair' 
# 
loop_
_ndb_struct_na_base_pair.model_number 
_ndb_struct_na_base_pair.i_label_asym_id 
_ndb_struct_na_base_pair.i_label_comp_id 
_ndb_struct_na_base_pair.i_label_seq_id 
_ndb_struct_na_base_pair.i_symmetry 
_ndb_struct_na_base_pair.j_label_asym_id 
_ndb_struct_na_base_pair.j_label_comp_id 
_ndb_struct_na_base_pair.j_label_seq_id 
_ndb_struct_na_base_pair.j_symmetry 
_ndb_struct_na_base_pair.shear 
_ndb_struct_na_base_pair.stretch 
_ndb_struct_na_base_pair.stagger 
_ndb_struct_na_base_pair.buckle 
_ndb_struct_na_base_pair.propeller 
_ndb_struct_na_base_pair.opening 
_ndb_struct_na_base_pair.pair_number 
_ndb_struct_na_base_pair.pair_name 
_ndb_struct_na_base_pair.i_auth_asym_id 
_ndb_struct_na_base_pair.i_auth_seq_id 
_ndb_struct_na_base_pair.i_PDB_ins_code 
_ndb_struct_na_base_pair.j_auth_asym_id 
_ndb_struct_na_base_pair.j_auth_seq_id 
_ndb_struct_na_base_pair.j_PDB_ins_code 
_ndb_struct_na_base_pair.hbond_type_28 
_ndb_struct_na_base_pair.hbond_type_12 
1 A G 1 1_555 B C 8 1_555 0.060  -0.150 -0.034 -5.384 -12.337 -0.423  1 A_G1:C8_B A 1 ? B 8 ? 19 1 
1 A C 2 1_555 B G 7 1_555 0.111  -0.199 0.056  -2.206 -11.376 -1.567  2 A_C2:G7_B A 2 ? B 7 ? 19 1 
1 A U 3 1_555 B G 6 1_555 2.418  -0.533 0.193  -1.211 -7.458  0.714   3 A_U3:G6_B A 3 ? B 6 ? 28 ? 
1 A U 4 1_555 B C 5 1_555 -0.564 0.126  -0.132 1.891  -2.525  -41.505 4 A_U4:C5_B A 4 ? B 5 ? ?  ? 
1 A C 5 1_555 B U 4 1_555 0.553  0.045  -0.099 8.885  -2.911  -39.783 5 A_C5:U4_B A 5 ? B 4 ? ?  ? 
1 A G 6 1_555 B U 3 1_555 -2.442 -0.686 -0.083 3.444  -9.707  -4.135  6 A_G6:U3_B A 6 ? B 3 ? 28 ? 
1 A G 7 1_555 B C 2 1_555 -0.185 -0.162 0.037  -4.888 -13.163 -0.400  7 A_G7:C2_B A 7 ? B 2 ? 19 1 
1 A C 8 1_555 B G 1 1_555 0.162  -0.150 0.221  -5.646 -4.680  -0.728  8 A_C8:G1_B A 8 ? B 1 ? 19 1 
# 
loop_
_ndb_struct_na_base_pair_step.model_number 
_ndb_struct_na_base_pair_step.i_label_asym_id_1 
_ndb_struct_na_base_pair_step.i_label_comp_id_1 
_ndb_struct_na_base_pair_step.i_label_seq_id_1 
_ndb_struct_na_base_pair_step.i_symmetry_1 
_ndb_struct_na_base_pair_step.j_label_asym_id_1 
_ndb_struct_na_base_pair_step.j_label_comp_id_1 
_ndb_struct_na_base_pair_step.j_label_seq_id_1 
_ndb_struct_na_base_pair_step.j_symmetry_1 
_ndb_struct_na_base_pair_step.i_label_asym_id_2 
_ndb_struct_na_base_pair_step.i_label_comp_id_2 
_ndb_struct_na_base_pair_step.i_label_seq_id_2 
_ndb_struct_na_base_pair_step.i_symmetry_2 
_ndb_struct_na_base_pair_step.j_label_asym_id_2 
_ndb_struct_na_base_pair_step.j_label_comp_id_2 
_ndb_struct_na_base_pair_step.j_label_seq_id_2 
_ndb_struct_na_base_pair_step.j_symmetry_2 
_ndb_struct_na_base_pair_step.shift 
_ndb_struct_na_base_pair_step.slide 
_ndb_struct_na_base_pair_step.rise 
_ndb_struct_na_base_pair_step.tilt 
_ndb_struct_na_base_pair_step.roll 
_ndb_struct_na_base_pair_step.twist 
_ndb_struct_na_base_pair_step.x_displacement 
_ndb_struct_na_base_pair_step.y_displacement 
_ndb_struct_na_base_pair_step.helical_rise 
_ndb_struct_na_base_pair_step.inclination 
_ndb_struct_na_base_pair_step.tip 
_ndb_struct_na_base_pair_step.helical_twist 
_ndb_struct_na_base_pair_step.step_number 
_ndb_struct_na_base_pair_step.step_name 
_ndb_struct_na_base_pair_step.i_auth_asym_id_1 
_ndb_struct_na_base_pair_step.i_auth_seq_id_1 
_ndb_struct_na_base_pair_step.i_PDB_ins_code_1 
_ndb_struct_na_base_pair_step.j_auth_asym_id_1 
_ndb_struct_na_base_pair_step.j_auth_seq_id_1 
_ndb_struct_na_base_pair_step.j_PDB_ins_code_1 
_ndb_struct_na_base_pair_step.i_auth_asym_id_2 
_ndb_struct_na_base_pair_step.i_auth_seq_id_2 
_ndb_struct_na_base_pair_step.i_PDB_ins_code_2 
_ndb_struct_na_base_pair_step.j_auth_asym_id_2 
_ndb_struct_na_base_pair_step.j_auth_seq_id_2 
_ndb_struct_na_base_pair_step.j_PDB_ins_code_2 
1 A G 1 1_555 B C 8 1_555 A C 2 1_555 B G 7 1_555 -0.718 -1.428 3.192 -3.074 8.317 31.631 -3.859 0.779  2.792 14.895 5.505  32.819 
1 AA_G1C2:G7C8_BB A 1 ? B 8 ? A 2 ? B 7 ? 
1 A C 2 1_555 B G 7 1_555 A U 3 1_555 B G 6 1_555 0.246  -1.377 3.302 0.683  5.998 40.677 -2.599 -0.278 3.081 8.571  -0.976 41.104 
2 AA_C2U3:G6G7_BB A 2 ? B 7 ? A 3 ? B 6 ? 
1 A U 3 1_555 B G 6 1_555 A U 4 1_555 B C 5 1_555 -3.992 -1.938 3.174 -1.377 6.720 20.348 -7.696 10.210 2.664 18.361 3.762  21.462 
3 AA_U3U4:C5G6_BB A 3 ? B 6 ? A 4 ? B 5 ? 
1 A U 4 1_555 B C 5 1_555 A C 5 1_555 B U 4 1_555 -0.153 -1.941 3.404 -2.221 8.364 37.753 -3.937 -0.037 2.928 12.722 3.378  38.697 
4 AA_U4C5:U4C5_BB A 4 ? B 5 ? A 5 ? B 4 ? 
1 A C 5 1_555 B U 4 1_555 A G 6 1_555 B U 3 1_555 3.107  -1.707 3.443 -0.462 9.821 24.606 -6.194 -6.902 2.527 21.957 1.033  26.470 
5 AA_C5G6:U3U4_BB A 5 ? B 4 ? A 6 ? B 3 ? 
1 A G 6 1_555 B U 3 1_555 A G 7 1_555 B C 2 1_555 0.309  -1.734 3.540 -2.716 4.832 40.546 -3.036 -0.754 3.294 6.933  3.897  40.907 
6 AA_G6G7:C2U3_BB A 6 ? B 3 ? A 7 ? B 2 ? 
1 A G 7 1_555 B C 2 1_555 A C 8 1_555 B G 1 1_555 0.084  -2.006 3.354 -0.315 0.791 33.937 -3.565 -0.195 3.307 1.354  0.540  33.947 
7 AA_G7C8:G1C2_BB A 7 ? B 2 ? A 8 ? B 1 ? 
# 
loop_
_pdbx_entity_nonpoly.entity_id 
_pdbx_entity_nonpoly.name 
_pdbx_entity_nonpoly.comp_id 
2 'RHODIUM HEXAMINE ION' RHD 
3 'CHLORIDE ION'         CL  
4 water                  HOH 
# 
_pdbx_initial_refinement_model.id               1 
_pdbx_initial_refinement_model.entity_id_list   ? 
_pdbx_initial_refinement_model.type             'experimental model' 
_pdbx_initial_refinement_model.source_name      PDB 
_pdbx_initial_refinement_model.accession_code   165D 
_pdbx_initial_refinement_model.details          'pdb entry 165D' 
# 
